data_4OUE
#
_entry.id   4OUE
#
_cell.length_a   125.680
_cell.length_b   122.080
_cell.length_c   159.620
_cell.angle_alpha   90.000
_cell.angle_beta   90.000
_cell.angle_gamma   90.000
#
_symmetry.space_group_name_H-M   'I 21 21 21'
#
loop_
_entity.id
_entity.type
_entity.pdbx_description
1 polymer 'Putative lipoprotein'
2 non-polymer GLYCEROL
3 non-polymer '1-methylethyl 1-thio-beta-D-galactopyranoside'
4 water water
#
_entity_poly.entity_id   1
_entity_poly.type   'polypeptide(L)'
_entity_poly.pdbx_seq_one_letter_code
;MSLAPCGLVPSARQLEWYNREMIAFFHFGINTFEEYVNEGDGKASTAIFNPTALDCRQWMQTLKAAGIPAAILTAKHADG
FCLWPSKYTDYSVKNAAWKNGKGDVVREFVDACEEYGLKAGIYLGPHDRHEHLSPLYTTERYKEYYAHQLGELMSDYGKI
WETWWDGAGADELTTPVYRHWYKIVREKQPDCVIFGTKNSYPFADVRWMGNEAGEAGDPCWATTDSVAIRDEAQYYKGLN
EGMLDGDAYIPAETDVSIRPSWFYHAEEDSRVKSVRELWDIYCTSVGRNSVLLLNFPPDRRGLIHSTDSLHAALLKQGID
ETFSTNLLRGAKVKATNVRGAKYSPEKMLDNEKNTYFAGKDGEVKADIIFTLPKTIEFDCLMIEEVIELGHRTTKWSVEY
TVDGKNWITIPEATDKQAIGHKWIVRLAPVKAKQVRLRIQDGKACPAIHTFGVYKQSPVFKEGHHHHHH
;
_entity_poly.pdbx_strand_id   A,B
#
loop_
_chem_comp.id
_chem_comp.type
_chem_comp.name
_chem_comp.formula
GOL non-polymer GLYCEROL 'C3 H8 O3'
IPT D-saccharide '1-methylethyl 1-thio-beta-D-galactopyranoside' 'C9 H18 O5 S'
#
# COMPACT_ATOMS: atom_id res chain seq x y z
N SER A 2 -38.98 -23.81 14.37
CA SER A 2 -38.09 -22.85 13.74
C SER A 2 -38.85 -21.92 12.79
N LEU A 3 -38.14 -20.95 12.23
CA LEU A 3 -38.75 -20.03 11.28
C LEU A 3 -38.82 -20.66 9.89
N ALA A 4 -39.92 -20.40 9.19
CA ALA A 4 -40.05 -20.83 7.81
C ALA A 4 -39.60 -19.69 6.90
N PRO A 5 -38.96 -20.04 5.78
CA PRO A 5 -38.52 -19.03 4.81
C PRO A 5 -39.71 -18.24 4.26
N CYS A 6 -39.45 -17.01 3.83
CA CYS A 6 -40.49 -16.17 3.25
C CYS A 6 -40.17 -15.88 1.78
N GLY A 7 -41.01 -16.38 0.88
CA GLY A 7 -40.82 -16.16 -0.54
C GLY A 7 -39.64 -16.95 -1.06
N LEU A 8 -38.98 -16.43 -2.11
CA LEU A 8 -37.84 -17.13 -2.71
C LEU A 8 -36.58 -17.01 -1.86
N VAL A 9 -35.73 -18.05 -1.92
CA VAL A 9 -34.52 -18.13 -1.08
C VAL A 9 -33.27 -18.40 -1.92
N PRO A 10 -32.09 -18.06 -1.39
CA PRO A 10 -30.83 -18.30 -2.11
C PRO A 10 -30.46 -19.77 -2.15
N SER A 11 -29.73 -20.19 -3.18
CA SER A 11 -29.18 -21.54 -3.24
C SER A 11 -27.89 -21.55 -2.44
N ALA A 12 -27.30 -22.72 -2.27
CA ALA A 12 -26.01 -22.82 -1.58
C ALA A 12 -24.90 -22.04 -2.31
N ARG A 13 -24.90 -22.09 -3.65
CA ARG A 13 -23.94 -21.32 -4.46
C ARG A 13 -24.09 -19.82 -4.22
N GLN A 14 -25.34 -19.37 -4.14
CA GLN A 14 -25.62 -17.94 -3.94
C GLN A 14 -25.17 -17.45 -2.56
N LEU A 15 -25.38 -18.28 -1.53
CA LEU A 15 -24.85 -17.99 -0.19
C LEU A 15 -23.33 -17.91 -0.19
N GLU A 16 -22.67 -18.90 -0.79
CA GLU A 16 -21.21 -18.90 -0.91
C GLU A 16 -20.75 -17.61 -1.58
N TRP A 17 -21.40 -17.27 -2.69
CA TRP A 17 -21.08 -16.07 -3.45
C TRP A 17 -21.24 -14.78 -2.65
N TYR A 18 -22.39 -14.64 -1.98
CA TYR A 18 -22.66 -13.45 -1.15
C TYR A 18 -21.58 -13.26 -0.07
N ASN A 19 -21.09 -14.38 0.46
CA ASN A 19 -20.12 -14.38 1.55
C ASN A 19 -18.72 -13.94 1.12
N ARG A 20 -18.44 -13.96 -0.18
CA ARG A 20 -17.17 -13.45 -0.68
C ARG A 20 -17.10 -11.93 -0.45
N GLU A 21 -18.23 -11.25 -0.68
CA GLU A 21 -18.35 -9.80 -0.56
C GLU A 21 -17.57 -9.03 -1.62
N MET A 22 -16.31 -9.37 -1.83
CA MET A 22 -15.53 -8.79 -2.92
C MET A 22 -14.93 -9.86 -3.82
N ILE A 23 -14.85 -9.54 -5.11
CA ILE A 23 -14.23 -10.41 -6.09
C ILE A 23 -13.33 -9.53 -6.95
N ALA A 24 -12.17 -10.05 -7.36
CA ALA A 24 -11.33 -9.29 -8.26
C ALA A 24 -11.56 -9.68 -9.71
N PHE A 25 -11.52 -8.70 -10.60
CA PHE A 25 -11.56 -8.93 -12.04
C PHE A 25 -10.12 -8.70 -12.52
N PHE A 26 -9.66 -9.52 -13.46
CA PHE A 26 -8.40 -9.24 -14.16
C PHE A 26 -8.62 -9.17 -15.67
N HIS A 27 -8.70 -7.96 -16.20
CA HIS A 27 -8.75 -7.81 -17.67
C HIS A 27 -7.34 -7.73 -18.24
N PHE A 28 -6.98 -8.78 -18.96
CA PHE A 28 -5.64 -8.98 -19.45
C PHE A 28 -5.74 -9.78 -20.74
N GLY A 29 -4.96 -9.39 -21.74
CA GLY A 29 -5.00 -10.09 -23.00
C GLY A 29 -4.31 -9.31 -24.09
N ILE A 30 -4.70 -9.58 -25.33
CA ILE A 30 -4.05 -8.95 -26.47
C ILE A 30 -4.28 -7.43 -26.49
N ASN A 31 -5.43 -6.97 -25.98
CA ASN A 31 -5.69 -5.52 -25.90
C ASN A 31 -4.57 -4.77 -25.17
N THR A 32 -4.04 -5.41 -24.14
CA THR A 32 -3.03 -4.81 -23.27
C THR A 32 -1.78 -4.40 -24.04
N PHE A 33 -1.51 -5.09 -25.14
CA PHE A 33 -0.29 -4.88 -25.92
C PHE A 33 -0.56 -4.07 -27.17
N GLU A 34 -1.82 -3.66 -27.34
CA GLU A 34 -2.14 -2.62 -28.31
C GLU A 34 -2.09 -1.25 -27.64
N GLU A 35 -2.09 -0.20 -28.45
CA GLU A 35 -2.01 1.14 -27.90
C GLU A 35 -3.40 1.71 -27.67
N TYR A 36 -3.73 1.96 -26.41
CA TYR A 36 -5.02 2.50 -26.02
C TYR A 36 -6.22 1.84 -26.67
N VAL A 37 -6.38 0.55 -26.39
CA VAL A 37 -7.47 -0.27 -26.91
C VAL A 37 -8.16 -0.98 -25.73
N ASN A 38 -9.49 -0.87 -25.66
CA ASN A 38 -10.27 -1.55 -24.63
C ASN A 38 -11.21 -2.58 -25.22
N GLU A 39 -11.44 -2.49 -26.53
CA GLU A 39 -12.26 -3.45 -27.23
C GLU A 39 -11.56 -3.83 -28.53
N GLY A 40 -11.06 -5.06 -28.61
CA GLY A 40 -10.23 -5.45 -29.76
C GLY A 40 -11.07 -5.94 -30.93
N ASP A 41 -10.57 -5.72 -32.15
CA ASP A 41 -11.35 -6.12 -33.32
C ASP A 41 -11.13 -7.57 -33.75
N GLY A 42 -10.15 -8.25 -33.14
CA GLY A 42 -9.88 -9.63 -33.50
C GLY A 42 -8.91 -9.75 -34.69
N LYS A 43 -8.27 -8.63 -35.04
CA LYS A 43 -7.32 -8.60 -36.15
C LYS A 43 -5.89 -8.32 -35.71
N ALA A 44 -5.69 -8.02 -34.43
CA ALA A 44 -4.32 -7.87 -33.92
C ALA A 44 -3.60 -9.19 -34.10
N SER A 45 -2.35 -9.11 -34.52
CA SER A 45 -1.50 -10.29 -34.65
C SER A 45 -1.22 -10.90 -33.28
N THR A 46 -1.40 -12.20 -33.14
CA THR A 46 -1.13 -12.90 -31.88
C THR A 46 0.29 -12.65 -31.39
N ALA A 47 1.18 -12.36 -32.32
CA ALA A 47 2.58 -12.12 -31.99
C ALA A 47 2.83 -10.99 -30.99
N ILE A 48 1.94 -10.00 -30.93
CA ILE A 48 2.19 -8.85 -30.06
C ILE A 48 1.99 -9.16 -28.58
N PHE A 49 1.27 -10.25 -28.28
CA PHE A 49 1.06 -10.63 -26.89
C PHE A 49 2.36 -11.15 -26.29
N ASN A 50 2.93 -10.36 -25.38
CA ASN A 50 4.28 -10.65 -24.92
C ASN A 50 4.54 -10.01 -23.57
N PRO A 51 3.84 -10.46 -22.51
CA PRO A 51 4.21 -9.91 -21.20
C PRO A 51 5.66 -10.21 -20.86
N THR A 52 6.40 -9.20 -20.44
CA THR A 52 7.84 -9.37 -20.27
C THR A 52 8.23 -10.28 -19.10
N ALA A 53 7.46 -10.25 -18.00
CA ALA A 53 7.72 -11.14 -16.87
C ALA A 53 6.44 -11.40 -16.09
N LEU A 54 5.54 -12.17 -16.67
CA LEU A 54 4.24 -12.46 -16.06
C LEU A 54 4.41 -13.02 -14.64
N ASP A 55 3.67 -12.45 -13.70
CA ASP A 55 3.74 -12.92 -12.31
C ASP A 55 2.37 -12.90 -11.61
N CYS A 56 1.53 -13.90 -11.92
CA CYS A 56 0.22 -14.01 -11.28
C CYS A 56 0.30 -14.11 -9.75
N ARG A 57 1.43 -14.58 -9.22
CA ARG A 57 1.59 -14.66 -7.76
C ARG A 57 1.53 -13.25 -7.17
N GLN A 58 2.11 -12.31 -7.90
CA GLN A 58 2.08 -10.91 -7.52
C GLN A 58 0.64 -10.35 -7.52
N TRP A 59 -0.19 -10.85 -8.43
CA TRP A 59 -1.61 -10.49 -8.44
C TRP A 59 -2.28 -10.98 -7.16
N MET A 60 -1.98 -12.21 -6.76
CA MET A 60 -2.59 -12.80 -5.57
C MET A 60 -2.14 -12.09 -4.29
N GLN A 61 -0.89 -11.65 -4.26
CA GLN A 61 -0.36 -10.92 -3.12
C GLN A 61 -1.13 -9.62 -2.96
N THR A 62 -1.49 -9.00 -4.09
CA THR A 62 -2.33 -7.80 -4.07
C THR A 62 -3.69 -8.12 -3.48
N LEU A 63 -4.26 -9.25 -3.88
CA LEU A 63 -5.58 -9.62 -3.37
C LEU A 63 -5.54 -9.97 -1.88
N LYS A 64 -4.44 -10.60 -1.44
CA LYS A 64 -4.24 -10.86 -0.02
C LYS A 64 -4.24 -9.54 0.74
N ALA A 65 -3.38 -8.62 0.32
CA ALA A 65 -3.33 -7.29 0.93
C ALA A 65 -4.69 -6.57 0.94
N ALA A 66 -5.57 -6.93 0.02
CA ALA A 66 -6.83 -6.22 -0.17
C ALA A 66 -8.01 -6.91 0.52
N GLY A 67 -7.75 -8.10 1.06
CA GLY A 67 -8.80 -8.88 1.70
C GLY A 67 -9.74 -9.58 0.73
N ILE A 68 -9.33 -9.73 -0.54
CA ILE A 68 -10.21 -10.27 -1.58
C ILE A 68 -10.01 -11.78 -1.83
N PRO A 69 -11.08 -12.59 -1.65
CA PRO A 69 -10.97 -14.06 -1.63
C PRO A 69 -11.21 -14.75 -2.97
N ALA A 70 -11.64 -14.03 -3.99
CA ALA A 70 -11.89 -14.64 -5.29
C ALA A 70 -11.38 -13.75 -6.41
N ALA A 71 -11.16 -14.35 -7.59
CA ALA A 71 -10.66 -13.61 -8.75
C ALA A 71 -11.17 -14.23 -10.04
N ILE A 72 -11.52 -13.38 -11.00
CA ILE A 72 -11.96 -13.83 -12.31
C ILE A 72 -11.03 -13.29 -13.40
N LEU A 73 -10.50 -14.17 -14.24
CA LEU A 73 -9.61 -13.74 -15.31
C LEU A 73 -10.32 -13.74 -16.67
N THR A 74 -10.02 -12.75 -17.51
CA THR A 74 -10.50 -12.77 -18.89
C THR A 74 -9.75 -13.82 -19.69
N ALA A 75 -10.20 -15.07 -19.65
CA ALA A 75 -9.59 -16.12 -20.47
C ALA A 75 -9.72 -15.80 -21.97
N LYS A 76 -10.76 -15.05 -22.32
CA LYS A 76 -11.00 -14.62 -23.68
C LYS A 76 -11.99 -13.48 -23.64
N HIS A 77 -11.59 -12.33 -24.19
CA HIS A 77 -12.48 -11.18 -24.31
C HIS A 77 -13.11 -11.22 -25.71
N ALA A 78 -13.88 -10.19 -26.05
CA ALA A 78 -14.62 -10.21 -27.33
C ALA A 78 -13.71 -10.27 -28.57
N ASP A 79 -12.46 -9.83 -28.41
CA ASP A 79 -11.49 -9.86 -29.49
C ASP A 79 -11.19 -11.30 -29.88
N GLY A 80 -11.54 -12.25 -29.01
CA GLY A 80 -11.42 -13.67 -29.31
C GLY A 80 -10.07 -14.33 -29.04
N PHE A 81 -9.09 -13.55 -28.57
CA PHE A 81 -7.76 -14.08 -28.27
C PHE A 81 -7.78 -14.91 -26.98
N CYS A 82 -7.35 -16.16 -27.06
CA CYS A 82 -7.45 -17.06 -25.90
C CYS A 82 -6.13 -17.09 -25.11
N LEU A 83 -6.22 -16.95 -23.79
CA LEU A 83 -5.04 -16.93 -22.93
C LEU A 83 -4.55 -18.33 -22.53
N TRP A 84 -5.18 -19.37 -23.07
CA TRP A 84 -4.72 -20.73 -22.83
C TRP A 84 -4.57 -21.41 -24.19
N PRO A 85 -3.64 -22.37 -24.31
CA PRO A 85 -3.41 -23.01 -25.62
C PRO A 85 -4.51 -23.99 -26.01
N SER A 86 -5.70 -23.46 -26.32
CA SER A 86 -6.83 -24.29 -26.70
C SER A 86 -6.51 -25.14 -27.93
N LYS A 87 -7.09 -26.34 -27.98
CA LYS A 87 -6.94 -27.20 -29.15
C LYS A 87 -7.83 -26.75 -30.30
N TYR A 88 -8.67 -25.75 -30.06
CA TYR A 88 -9.71 -25.43 -31.04
C TYR A 88 -9.53 -24.12 -31.80
N THR A 89 -8.41 -23.43 -31.57
CA THR A 89 -8.10 -22.24 -32.35
C THR A 89 -6.62 -21.98 -32.38
N ASP A 90 -6.19 -21.17 -33.34
CA ASP A 90 -4.81 -20.73 -33.39
C ASP A 90 -4.68 -19.33 -32.83
N TYR A 91 -5.83 -18.69 -32.57
CA TYR A 91 -5.81 -17.30 -32.11
C TYR A 91 -5.67 -17.27 -30.58
N SER A 92 -4.49 -17.62 -30.11
CA SER A 92 -4.25 -17.82 -28.69
C SER A 92 -2.78 -17.65 -28.37
N VAL A 93 -2.43 -17.84 -27.10
CA VAL A 93 -1.05 -17.74 -26.62
C VAL A 93 -0.09 -18.72 -27.34
N LYS A 94 -0.64 -19.78 -27.90
CA LYS A 94 0.10 -20.76 -28.71
C LYS A 94 0.87 -20.10 -29.86
N ASN A 95 0.36 -18.98 -30.37
CA ASN A 95 1.06 -18.26 -31.45
C ASN A 95 1.51 -16.86 -31.06
N ALA A 96 1.77 -16.66 -29.78
CA ALA A 96 2.25 -15.38 -29.30
C ALA A 96 3.77 -15.38 -29.28
N ALA A 97 4.37 -14.20 -29.21
CA ALA A 97 5.80 -14.09 -28.99
C ALA A 97 6.15 -14.61 -27.58
N TRP A 98 5.21 -14.41 -26.66
CA TRP A 98 5.35 -14.83 -25.27
C TRP A 98 5.77 -16.28 -25.12
N LYS A 99 6.95 -16.48 -24.53
CA LYS A 99 7.46 -17.81 -24.20
C LYS A 99 7.55 -18.66 -25.44
N ASN A 100 7.75 -18.02 -26.59
CA ASN A 100 7.82 -18.74 -27.86
C ASN A 100 6.60 -19.60 -28.14
N GLY A 101 5.45 -19.20 -27.60
CA GLY A 101 4.19 -19.89 -27.87
C GLY A 101 3.94 -21.08 -26.98
N LYS A 102 4.73 -21.20 -25.91
CA LYS A 102 4.64 -22.34 -25.01
C LYS A 102 4.02 -21.96 -23.66
N GLY A 103 3.45 -20.77 -23.56
CA GLY A 103 2.87 -20.33 -22.30
C GLY A 103 1.39 -20.67 -22.16
N ASP A 104 0.87 -20.45 -20.95
CA ASP A 104 -0.54 -20.67 -20.64
C ASP A 104 -0.86 -19.75 -19.48
N VAL A 105 -1.45 -18.58 -19.76
CA VAL A 105 -1.77 -17.61 -18.70
C VAL A 105 -2.80 -18.20 -17.71
N VAL A 106 -3.81 -18.90 -18.24
CA VAL A 106 -4.87 -19.43 -17.39
C VAL A 106 -4.28 -20.43 -16.39
N ARG A 107 -3.31 -21.22 -16.86
CA ARG A 107 -2.62 -22.16 -16.00
C ARG A 107 -1.91 -21.47 -14.86
N GLU A 108 -1.14 -20.44 -15.20
CA GLU A 108 -0.39 -19.70 -14.19
C GLU A 108 -1.36 -18.99 -13.23
N PHE A 109 -2.49 -18.56 -13.77
CA PHE A 109 -3.53 -17.93 -12.94
C PHE A 109 -4.13 -18.90 -11.91
N VAL A 110 -4.64 -20.04 -12.37
CA VAL A 110 -5.25 -20.99 -11.43
C VAL A 110 -4.23 -21.61 -10.46
N ASP A 111 -3.00 -21.79 -10.91
CA ASP A 111 -1.96 -22.29 -10.02
C ASP A 111 -1.67 -21.29 -8.92
N ALA A 112 -1.59 -20.02 -9.28
CA ALA A 112 -1.38 -18.96 -8.29
C ALA A 112 -2.58 -18.83 -7.35
N CYS A 113 -3.80 -18.99 -7.88
CA CYS A 113 -4.98 -18.93 -7.01
C CYS A 113 -4.92 -20.05 -5.98
N GLU A 114 -4.64 -21.26 -6.45
CA GLU A 114 -4.53 -22.43 -5.57
C GLU A 114 -3.44 -22.27 -4.52
N GLU A 115 -2.28 -21.76 -4.93
CA GLU A 115 -1.18 -21.54 -3.99
C GLU A 115 -1.56 -20.54 -2.89
N TYR A 116 -2.36 -19.53 -3.21
CA TYR A 116 -2.72 -18.53 -2.21
C TYR A 116 -4.07 -18.78 -1.55
N GLY A 117 -4.73 -19.88 -1.93
CA GLY A 117 -6.04 -20.19 -1.37
C GLY A 117 -7.16 -19.26 -1.82
N LEU A 118 -7.08 -18.78 -3.07
CA LEU A 118 -8.12 -17.90 -3.58
C LEU A 118 -9.04 -18.66 -4.53
N LYS A 119 -10.31 -18.25 -4.61
CA LYS A 119 -11.23 -18.92 -5.53
C LYS A 119 -11.03 -18.40 -6.96
N ALA A 120 -10.90 -19.31 -7.92
CA ALA A 120 -10.65 -18.94 -9.31
C ALA A 120 -11.94 -18.93 -10.10
N GLY A 121 -12.04 -17.99 -11.04
CA GLY A 121 -13.21 -17.88 -11.89
C GLY A 121 -12.79 -17.49 -13.30
N ILE A 122 -13.64 -17.78 -14.26
CA ILE A 122 -13.31 -17.55 -15.66
C ILE A 122 -14.34 -16.63 -16.33
N TYR A 123 -13.83 -15.62 -17.03
CA TYR A 123 -14.63 -14.83 -17.98
C TYR A 123 -14.31 -15.38 -19.38
N LEU A 124 -15.33 -15.85 -20.08
CA LEU A 124 -15.15 -16.41 -21.41
C LEU A 124 -16.19 -15.78 -22.33
N GLY A 125 -15.77 -14.83 -23.15
CA GLY A 125 -16.68 -14.00 -23.93
C GLY A 125 -17.63 -14.72 -24.87
N PRO A 126 -18.95 -14.61 -24.60
CA PRO A 126 -19.92 -15.18 -25.55
C PRO A 126 -19.76 -14.59 -26.95
N HIS A 127 -19.85 -13.27 -27.11
CA HIS A 127 -19.60 -12.63 -28.41
C HIS A 127 -18.11 -12.69 -28.75
N ASP A 128 -17.80 -13.29 -29.91
CA ASP A 128 -16.41 -13.45 -30.36
C ASP A 128 -16.21 -12.77 -31.71
N ARG A 129 -15.58 -11.60 -31.70
CA ARG A 129 -15.34 -10.87 -32.94
C ARG A 129 -14.41 -11.61 -33.90
N HIS A 130 -13.44 -12.34 -33.34
CA HIS A 130 -12.50 -13.06 -34.20
C HIS A 130 -13.20 -14.15 -34.98
N GLU A 131 -14.04 -14.92 -34.32
CA GLU A 131 -14.75 -16.02 -34.97
C GLU A 131 -15.72 -15.49 -36.02
N HIS A 132 -16.27 -14.30 -35.75
CA HIS A 132 -17.17 -13.66 -36.70
C HIS A 132 -16.48 -13.33 -38.04
N LEU A 133 -15.16 -13.21 -38.02
CA LEU A 133 -14.41 -12.93 -39.24
C LEU A 133 -14.30 -14.14 -40.17
N SER A 134 -14.63 -15.32 -39.68
CA SER A 134 -14.56 -16.52 -40.51
C SER A 134 -15.75 -16.55 -41.46
N PRO A 135 -15.47 -16.66 -42.77
CA PRO A 135 -16.54 -16.80 -43.78
C PRO A 135 -17.42 -18.02 -43.54
N LEU A 136 -17.01 -18.90 -42.62
CA LEU A 136 -17.75 -20.10 -42.29
C LEU A 136 -18.47 -19.99 -40.95
N TYR A 137 -18.50 -18.80 -40.37
CA TYR A 137 -19.18 -18.57 -39.10
C TYR A 137 -20.68 -18.82 -39.18
N THR A 138 -21.19 -19.66 -38.30
CA THR A 138 -22.62 -19.67 -37.98
C THR A 138 -22.78 -19.78 -36.46
N THR A 139 -23.90 -19.26 -35.95
CA THR A 139 -24.22 -19.39 -34.53
C THR A 139 -24.10 -20.84 -34.04
N GLU A 140 -24.56 -21.77 -34.87
CA GLU A 140 -24.54 -23.18 -34.51
C GLU A 140 -23.13 -23.76 -34.43
N ARG A 141 -22.27 -23.37 -35.37
CA ARG A 141 -20.88 -23.81 -35.29
C ARG A 141 -20.21 -23.15 -34.09
N TYR A 142 -20.43 -21.85 -33.92
CA TYR A 142 -19.83 -21.14 -32.80
C TYR A 142 -20.25 -21.73 -31.45
N LYS A 143 -21.50 -22.17 -31.37
CA LYS A 143 -22.02 -22.82 -30.16
C LYS A 143 -21.17 -24.04 -29.81
N GLU A 144 -20.79 -24.82 -30.81
CA GLU A 144 -19.93 -25.97 -30.59
C GLU A 144 -18.49 -25.54 -30.27
N TYR A 145 -17.99 -24.53 -30.99
CA TYR A 145 -16.66 -23.99 -30.70
C TYR A 145 -16.56 -23.59 -29.21
N TYR A 146 -17.49 -22.75 -28.76
CA TYR A 146 -17.47 -22.25 -27.41
C TYR A 146 -17.58 -23.40 -26.41
N ALA A 147 -18.42 -24.38 -26.74
CA ALA A 147 -18.63 -25.53 -25.85
C ALA A 147 -17.37 -26.33 -25.64
N HIS A 148 -16.61 -26.57 -26.72
CA HIS A 148 -15.31 -27.24 -26.62
C HIS A 148 -14.35 -26.47 -25.73
N GLN A 149 -14.28 -25.16 -25.92
CA GLN A 149 -13.39 -24.34 -25.10
C GLN A 149 -13.87 -24.31 -23.66
N LEU A 150 -15.19 -24.22 -23.48
CA LEU A 150 -15.76 -24.25 -22.13
C LEU A 150 -15.36 -25.57 -21.47
N GLY A 151 -15.43 -26.65 -22.24
CA GLY A 151 -15.06 -27.97 -21.76
C GLY A 151 -13.63 -28.08 -21.31
N GLU A 152 -12.72 -27.40 -22.02
CA GLU A 152 -11.32 -27.37 -21.61
C GLU A 152 -11.15 -26.61 -20.30
N LEU A 153 -11.76 -25.43 -20.21
CA LEU A 153 -11.58 -24.56 -19.04
C LEU A 153 -12.27 -25.13 -17.81
N MET A 154 -13.38 -25.85 -18.01
CA MET A 154 -14.09 -26.45 -16.88
C MET A 154 -13.56 -27.83 -16.48
N SER A 155 -12.63 -28.39 -17.27
CA SER A 155 -12.12 -29.73 -17.00
C SER A 155 -10.67 -29.75 -16.54
N ASP A 156 -9.83 -28.93 -17.17
CA ASP A 156 -8.39 -29.08 -17.01
C ASP A 156 -7.73 -28.05 -16.10
N TYR A 157 -8.51 -27.20 -15.44
CA TYR A 157 -7.91 -26.08 -14.72
C TYR A 157 -8.35 -26.00 -13.26
N GLY A 158 -8.71 -27.16 -12.70
CA GLY A 158 -9.06 -27.25 -11.30
C GLY A 158 -10.47 -26.76 -11.04
N LYS A 159 -10.75 -26.43 -9.78
CA LYS A 159 -12.08 -25.98 -9.40
C LYS A 159 -12.33 -24.52 -9.78
N ILE A 160 -13.44 -24.31 -10.51
CA ILE A 160 -13.86 -22.99 -10.98
C ILE A 160 -15.08 -22.55 -10.18
N TRP A 161 -15.03 -21.34 -9.63
CA TRP A 161 -16.09 -20.87 -8.73
C TRP A 161 -17.02 -19.85 -9.37
N GLU A 162 -16.63 -19.33 -10.53
CA GLU A 162 -17.52 -18.43 -11.25
C GLU A 162 -17.23 -18.49 -12.74
N THR A 163 -18.30 -18.46 -13.52
CA THR A 163 -18.22 -18.33 -14.98
C THR A 163 -18.97 -17.05 -15.34
N TRP A 164 -18.32 -16.17 -16.09
CA TRP A 164 -18.86 -14.85 -16.37
C TRP A 164 -19.28 -14.71 -17.84
N TRP A 165 -20.56 -14.40 -18.05
CA TRP A 165 -21.07 -14.24 -19.41
C TRP A 165 -21.44 -12.78 -19.70
N ASP A 166 -20.52 -12.07 -20.34
CA ASP A 166 -20.74 -10.69 -20.75
C ASP A 166 -21.85 -10.68 -21.80
N GLY A 167 -22.79 -9.75 -21.65
CA GLY A 167 -23.91 -9.66 -22.57
C GLY A 167 -23.64 -8.69 -23.72
N ALA A 168 -22.49 -8.04 -23.70
CA ALA A 168 -22.12 -7.12 -24.78
C ALA A 168 -21.96 -7.86 -26.11
N GLY A 169 -22.78 -7.48 -27.09
CA GLY A 169 -22.71 -8.06 -28.42
C GLY A 169 -23.29 -9.47 -28.54
N ALA A 170 -23.95 -9.95 -27.49
CA ALA A 170 -24.39 -11.35 -27.42
C ALA A 170 -25.86 -11.58 -27.80
N ASP A 171 -26.51 -10.53 -28.32
CA ASP A 171 -27.95 -10.62 -28.62
C ASP A 171 -28.29 -11.72 -29.63
N GLU A 172 -27.35 -12.10 -30.49
CA GLU A 172 -27.61 -13.16 -31.47
C GLU A 172 -27.69 -14.53 -30.81
N LEU A 173 -27.10 -14.66 -29.63
CA LEU A 173 -27.05 -15.94 -28.94
C LEU A 173 -28.38 -16.20 -28.23
N THR A 174 -28.99 -17.34 -28.53
CA THR A 174 -30.32 -17.70 -28.04
C THR A 174 -30.22 -18.63 -26.83
N THR A 175 -31.34 -18.78 -26.13
CA THR A 175 -31.39 -19.60 -24.92
C THR A 175 -30.89 -21.05 -25.06
N PRO A 176 -31.26 -21.75 -26.15
CA PRO A 176 -30.74 -23.12 -26.32
C PRO A 176 -29.21 -23.16 -26.43
N VAL A 177 -28.60 -22.13 -27.02
CA VAL A 177 -27.14 -22.00 -27.02
C VAL A 177 -26.57 -22.02 -25.60
N TYR A 178 -27.08 -21.12 -24.75
CA TYR A 178 -26.63 -21.04 -23.37
C TYR A 178 -26.95 -22.29 -22.57
N ARG A 179 -28.08 -22.93 -22.89
CA ARG A 179 -28.48 -24.15 -22.17
C ARG A 179 -27.39 -25.19 -22.33
N HIS A 180 -26.95 -25.36 -23.57
CA HIS A 180 -25.85 -26.26 -23.90
C HIS A 180 -24.62 -25.91 -23.07
N TRP A 181 -24.24 -24.63 -23.06
CA TRP A 181 -23.10 -24.19 -22.25
C TRP A 181 -23.33 -24.44 -20.76
N TYR A 182 -24.55 -24.17 -20.30
CA TYR A 182 -24.91 -24.32 -18.88
C TYR A 182 -24.72 -25.74 -18.37
N LYS A 183 -25.16 -26.73 -19.14
CA LYS A 183 -25.02 -28.13 -18.74
C LYS A 183 -23.56 -28.55 -18.56
N ILE A 184 -22.70 -28.09 -19.45
CA ILE A 184 -21.26 -28.33 -19.32
C ILE A 184 -20.71 -27.77 -18.01
N VAL A 185 -21.03 -26.50 -17.73
CA VAL A 185 -20.59 -25.87 -16.50
C VAL A 185 -21.14 -26.57 -15.26
N ARG A 186 -22.45 -26.80 -15.26
CA ARG A 186 -23.11 -27.36 -14.08
C ARG A 186 -22.66 -28.79 -13.78
N GLU A 187 -22.42 -29.57 -14.84
CA GLU A 187 -21.98 -30.95 -14.67
C GLU A 187 -20.52 -31.06 -14.23
N LYS A 188 -19.66 -30.23 -14.81
CA LYS A 188 -18.24 -30.26 -14.49
C LYS A 188 -17.90 -29.47 -13.24
N GLN A 189 -18.66 -28.40 -12.97
CA GLN A 189 -18.36 -27.55 -11.82
C GLN A 189 -19.65 -27.16 -11.09
N PRO A 190 -20.13 -28.04 -10.21
CA PRO A 190 -21.41 -27.86 -9.52
C PRO A 190 -21.45 -26.68 -8.55
N ASP A 191 -20.29 -26.21 -8.09
CA ASP A 191 -20.27 -25.07 -7.17
C ASP A 191 -20.10 -23.73 -7.89
N CYS A 192 -19.95 -23.78 -9.22
CA CYS A 192 -19.62 -22.57 -9.99
C CYS A 192 -20.80 -21.61 -10.15
N VAL A 193 -20.61 -20.38 -9.70
CA VAL A 193 -21.63 -19.35 -9.88
C VAL A 193 -21.64 -18.85 -11.32
N ILE A 194 -22.82 -18.75 -11.92
CA ILE A 194 -22.90 -18.20 -13.28
C ILE A 194 -23.43 -16.78 -13.26
N PHE A 195 -22.63 -15.84 -13.75
CA PHE A 195 -23.08 -14.47 -13.97
C PHE A 195 -23.75 -14.48 -15.32
N GLY A 196 -25.09 -14.47 -15.32
CA GLY A 196 -25.85 -14.57 -16.55
C GLY A 196 -26.48 -13.27 -17.03
N THR A 197 -26.38 -13.04 -18.34
CA THR A 197 -26.99 -11.86 -18.95
C THR A 197 -27.89 -12.23 -20.13
N LYS A 198 -28.86 -11.38 -20.42
CA LYS A 198 -29.74 -11.55 -21.57
C LYS A 198 -30.32 -12.97 -21.74
N ASN A 199 -30.03 -13.62 -22.88
CA ASN A 199 -30.69 -14.90 -23.16
C ASN A 199 -30.22 -16.07 -22.31
N SER A 200 -29.22 -15.82 -21.47
CA SER A 200 -28.78 -16.81 -20.51
C SER A 200 -29.65 -16.76 -19.26
N TYR A 201 -30.64 -15.86 -19.25
CA TYR A 201 -31.47 -15.65 -18.05
C TYR A 201 -31.95 -16.89 -17.28
N PRO A 202 -32.34 -17.98 -17.97
CA PRO A 202 -32.85 -19.06 -17.10
C PRO A 202 -31.75 -19.81 -16.37
N PHE A 203 -30.49 -19.49 -16.64
CA PHE A 203 -29.37 -20.25 -16.07
C PHE A 203 -28.50 -19.43 -15.12
N ALA A 204 -28.82 -18.14 -15.01
CA ALA A 204 -28.07 -17.20 -14.18
C ALA A 204 -28.21 -17.46 -12.67
N ASP A 205 -27.08 -17.44 -11.96
CA ASP A 205 -27.11 -17.46 -10.49
C ASP A 205 -27.11 -16.05 -9.94
N VAL A 206 -26.42 -15.15 -10.66
CA VAL A 206 -26.36 -13.74 -10.28
C VAL A 206 -26.56 -12.89 -11.54
N ARG A 207 -27.01 -11.66 -11.34
CA ARG A 207 -27.39 -10.78 -12.45
C ARG A 207 -26.52 -9.53 -12.50
N TRP A 208 -26.53 -8.84 -13.65
CA TRP A 208 -25.95 -7.52 -13.73
C TRP A 208 -26.88 -6.53 -13.06
N MET A 209 -26.36 -5.37 -12.67
CA MET A 209 -27.22 -4.38 -12.01
C MET A 209 -27.34 -3.08 -12.81
N GLY A 210 -27.04 -3.13 -14.11
CA GLY A 210 -27.43 -2.05 -15.00
C GLY A 210 -26.43 -0.94 -15.25
N ASN A 211 -25.38 -0.84 -14.44
CA ASN A 211 -24.32 0.13 -14.73
C ASN A 211 -22.92 -0.37 -14.40
N GLU A 212 -21.91 0.40 -14.80
CA GLU A 212 -20.52 0.05 -14.52
C GLU A 212 -19.85 1.13 -13.69
N ALA A 213 -20.64 1.79 -12.83
CA ALA A 213 -20.15 2.88 -11.99
C ALA A 213 -19.99 2.41 -10.55
N GLY A 214 -20.38 1.18 -10.28
CA GLY A 214 -20.25 0.62 -8.95
C GLY A 214 -21.41 0.96 -8.02
N GLU A 215 -22.59 1.21 -8.59
CA GLU A 215 -23.74 1.55 -7.76
C GLU A 215 -24.94 0.67 -8.03
N ALA A 216 -25.15 -0.31 -7.15
CA ALA A 216 -26.40 -1.06 -7.14
C ALA A 216 -27.52 -0.11 -6.67
N GLY A 217 -28.78 -0.51 -6.84
CA GLY A 217 -29.90 0.33 -6.45
C GLY A 217 -30.12 0.49 -4.95
N ASP A 218 -30.79 1.57 -4.57
CA ASP A 218 -31.29 1.72 -3.21
C ASP A 218 -32.80 1.86 -3.28
N PRO A 219 -33.56 0.80 -2.95
CA PRO A 219 -33.14 -0.50 -2.41
C PRO A 219 -32.58 -1.39 -3.51
N CYS A 220 -31.96 -2.51 -3.12
CA CYS A 220 -31.53 -3.54 -4.07
C CYS A 220 -31.98 -4.91 -3.57
N TRP A 221 -33.01 -5.46 -4.22
CA TRP A 221 -33.54 -6.76 -3.86
C TRP A 221 -32.74 -7.87 -4.54
N ALA A 222 -32.55 -8.99 -3.85
CA ALA A 222 -31.95 -10.16 -4.46
C ALA A 222 -32.86 -10.75 -5.53
N THR A 223 -34.16 -10.49 -5.41
CA THR A 223 -35.16 -11.02 -6.34
C THR A 223 -35.44 -10.03 -7.46
N THR A 224 -35.80 -10.56 -8.62
CA THR A 224 -36.31 -9.76 -9.72
C THR A 224 -36.96 -10.68 -10.75
N ASP A 225 -37.65 -10.10 -11.72
CA ASP A 225 -38.24 -10.89 -12.81
C ASP A 225 -37.16 -11.28 -13.80
N SER A 226 -37.13 -12.57 -14.16
CA SER A 226 -36.12 -13.10 -15.08
C SER A 226 -36.16 -12.38 -16.42
N VAL A 227 -37.30 -11.80 -16.76
CA VAL A 227 -37.45 -11.07 -18.01
C VAL A 227 -36.60 -9.78 -17.99
N ALA A 228 -36.33 -9.25 -16.79
CA ALA A 228 -35.50 -8.06 -16.67
C ALA A 228 -34.07 -8.31 -17.15
N ILE A 229 -33.59 -9.53 -16.90
CA ILE A 229 -32.26 -9.95 -17.33
C ILE A 229 -32.24 -10.11 -18.86
N ARG A 230 -33.26 -10.79 -19.40
CA ARG A 230 -33.38 -11.01 -20.84
C ARG A 230 -33.48 -9.71 -21.62
N ASP A 231 -34.47 -8.90 -21.28
CA ASP A 231 -34.70 -7.64 -21.98
C ASP A 231 -33.97 -6.52 -21.25
N GLU A 232 -32.69 -6.75 -21.02
CA GLU A 232 -31.81 -5.92 -20.22
C GLU A 232 -31.96 -4.43 -20.45
N ALA A 233 -31.98 -4.02 -21.71
CA ALA A 233 -31.92 -2.61 -22.05
C ALA A 233 -33.18 -1.83 -21.67
N GLN A 234 -34.31 -2.53 -21.54
CA GLN A 234 -35.56 -1.84 -21.17
C GLN A 234 -35.93 -2.03 -19.69
N TYR A 235 -35.06 -2.65 -18.91
CA TYR A 235 -35.32 -2.85 -17.48
C TYR A 235 -34.15 -2.43 -16.58
N TYR A 236 -33.77 -1.15 -16.65
CA TYR A 236 -32.68 -0.68 -15.82
C TYR A 236 -32.98 -0.84 -14.34
N LYS A 237 -34.17 -0.42 -13.92
CA LYS A 237 -34.52 -0.48 -12.49
C LYS A 237 -34.75 -1.91 -12.03
N GLY A 238 -35.29 -2.74 -12.93
CA GLY A 238 -35.50 -4.15 -12.64
C GLY A 238 -34.19 -4.88 -12.39
N LEU A 239 -33.11 -4.44 -13.05
CA LEU A 239 -31.78 -4.99 -12.75
C LEU A 239 -31.14 -4.30 -11.55
N ASN A 240 -31.12 -2.97 -11.57
CA ASN A 240 -30.43 -2.16 -10.58
C ASN A 240 -31.06 -2.25 -9.18
N GLU A 241 -32.39 -2.16 -9.10
CA GLU A 241 -33.10 -2.27 -7.82
C GLU A 241 -33.73 -3.64 -7.61
N GLY A 242 -34.01 -4.36 -8.70
CA GLY A 242 -34.71 -5.62 -8.57
C GLY A 242 -36.16 -5.40 -8.18
N MET A 243 -36.85 -6.48 -7.82
CA MET A 243 -38.28 -6.40 -7.52
C MET A 243 -38.58 -7.28 -6.32
N LEU A 244 -39.27 -6.72 -5.34
CA LEU A 244 -39.68 -7.49 -4.16
C LEU A 244 -40.57 -8.66 -4.57
N ASP A 245 -41.44 -8.41 -5.51
CA ASP A 245 -42.31 -9.48 -6.03
C ASP A 245 -41.71 -10.13 -7.27
N GLY A 246 -40.38 -10.10 -7.39
CA GLY A 246 -39.69 -10.71 -8.52
C GLY A 246 -39.91 -12.21 -8.58
N ASP A 247 -39.94 -12.77 -9.79
CA ASP A 247 -40.22 -14.20 -9.94
C ASP A 247 -38.99 -15.11 -9.77
N ALA A 248 -37.80 -14.52 -9.69
CA ALA A 248 -36.57 -15.29 -9.55
C ALA A 248 -35.65 -14.74 -8.47
N TYR A 249 -34.94 -15.63 -7.76
CA TYR A 249 -33.90 -15.17 -6.82
C TYR A 249 -32.58 -15.13 -7.57
N ILE A 250 -32.16 -13.94 -8.00
CA ILE A 250 -30.94 -13.78 -8.80
C ILE A 250 -30.24 -12.48 -8.39
N PRO A 251 -29.46 -12.52 -7.31
CA PRO A 251 -28.93 -11.27 -6.75
C PRO A 251 -27.96 -10.53 -7.68
N ALA A 252 -27.79 -9.24 -7.41
CA ALA A 252 -26.99 -8.37 -8.26
C ALA A 252 -25.49 -8.42 -7.94
N GLU A 253 -24.68 -8.60 -8.98
CA GLU A 253 -23.24 -8.48 -8.84
C GLU A 253 -22.81 -7.15 -9.47
N THR A 254 -22.17 -6.30 -8.67
CA THR A 254 -21.77 -4.96 -9.12
C THR A 254 -20.33 -4.95 -9.63
N ASP A 255 -20.13 -4.57 -10.90
CA ASP A 255 -18.80 -4.57 -11.52
C ASP A 255 -18.28 -3.17 -11.82
N VAL A 256 -17.00 -2.92 -11.51
CA VAL A 256 -16.42 -1.62 -11.76
C VAL A 256 -14.89 -1.73 -11.86
N SER A 257 -14.28 -0.89 -12.68
CA SER A 257 -12.83 -0.91 -12.77
C SER A 257 -12.24 0.06 -11.77
N ILE A 258 -11.02 -0.21 -11.31
CA ILE A 258 -10.35 0.69 -10.37
C ILE A 258 -9.75 1.85 -11.16
N ARG A 259 -9.82 1.73 -12.48
CA ARG A 259 -9.36 2.75 -13.42
C ARG A 259 -10.54 3.14 -14.31
N PRO A 260 -10.40 4.22 -15.09
CA PRO A 260 -11.43 4.57 -16.07
C PRO A 260 -11.69 3.45 -17.07
N SER A 261 -10.63 2.80 -17.57
CA SER A 261 -10.80 1.70 -18.53
C SER A 261 -10.74 0.34 -17.85
N TRP A 262 -11.21 -0.67 -18.55
CA TRP A 262 -11.12 -2.05 -18.06
C TRP A 262 -9.72 -2.64 -18.26
N PHE A 263 -9.09 -2.29 -19.38
CA PHE A 263 -7.73 -2.78 -19.67
C PHE A 263 -6.67 -1.79 -19.22
N TYR A 264 -5.41 -2.25 -19.14
CA TYR A 264 -4.35 -1.40 -18.61
C TYR A 264 -3.86 -0.37 -19.62
N HIS A 265 -3.72 0.88 -19.16
CA HIS A 265 -3.10 1.94 -19.95
C HIS A 265 -2.26 2.83 -19.04
N ALA A 266 -0.99 3.02 -19.39
CA ALA A 266 -0.07 3.80 -18.56
C ALA A 266 -0.63 5.18 -18.24
N GLU A 267 -1.29 5.78 -19.21
CA GLU A 267 -1.92 7.10 -19.05
C GLU A 267 -2.93 7.15 -17.90
N GLU A 268 -3.50 6.02 -17.50
CA GLU A 268 -4.47 6.02 -16.39
C GLU A 268 -3.84 5.76 -15.02
N ASP A 269 -2.50 5.68 -14.95
CA ASP A 269 -1.82 5.55 -13.67
C ASP A 269 -2.13 6.70 -12.71
N SER A 270 -2.40 7.88 -13.27
CA SER A 270 -2.77 9.04 -12.46
C SER A 270 -4.27 9.09 -12.24
N ARG A 271 -4.99 8.07 -12.73
CA ARG A 271 -6.46 8.08 -12.70
C ARG A 271 -7.06 6.95 -11.90
N VAL A 272 -6.27 6.33 -11.04
CA VAL A 272 -6.74 5.24 -10.21
C VAL A 272 -7.69 5.83 -9.17
N LYS A 273 -8.81 5.14 -8.93
CA LYS A 273 -9.78 5.62 -7.94
C LYS A 273 -9.14 5.75 -6.57
N SER A 274 -9.45 6.85 -5.89
CA SER A 274 -8.93 7.10 -4.56
C SER A 274 -9.54 6.12 -3.59
N VAL A 275 -8.95 6.03 -2.41
CA VAL A 275 -9.45 5.16 -1.34
C VAL A 275 -10.87 5.56 -0.93
N ARG A 276 -11.16 6.86 -0.99
CA ARG A 276 -12.46 7.37 -0.61
C ARG A 276 -13.51 6.95 -1.63
N GLU A 277 -13.15 7.08 -2.91
CA GLU A 277 -14.05 6.61 -3.97
C GLU A 277 -14.34 5.13 -3.80
N LEU A 278 -13.30 4.33 -3.58
CA LEU A 278 -13.49 2.88 -3.41
C LEU A 278 -14.38 2.59 -2.18
N TRP A 279 -14.29 3.43 -1.18
CA TRP A 279 -15.08 3.24 0.04
C TRP A 279 -16.54 3.56 -0.28
N ASP A 280 -16.76 4.61 -1.08
CA ASP A 280 -18.12 4.92 -1.54
C ASP A 280 -18.66 3.75 -2.36
N ILE A 281 -17.85 3.27 -3.29
CA ILE A 281 -18.26 2.16 -4.13
C ILE A 281 -18.57 0.93 -3.29
N TYR A 282 -17.72 0.65 -2.30
CA TYR A 282 -17.96 -0.49 -1.42
C TYR A 282 -19.32 -0.33 -0.76
N CYS A 283 -19.61 0.90 -0.31
CA CYS A 283 -20.88 1.17 0.38
C CYS A 283 -22.08 1.12 -0.56
N THR A 284 -21.85 1.33 -1.85
CA THR A 284 -22.95 1.26 -2.83
C THR A 284 -23.02 -0.05 -3.59
N SER A 285 -22.28 -1.05 -3.11
CA SER A 285 -22.31 -2.40 -3.68
C SER A 285 -22.47 -3.42 -2.56
N VAL A 286 -21.37 -3.76 -1.91
CA VAL A 286 -21.40 -4.64 -0.75
C VAL A 286 -22.39 -4.07 0.28
N GLY A 287 -22.35 -2.75 0.47
CA GLY A 287 -23.24 -2.08 1.41
C GLY A 287 -24.68 -1.93 0.93
N ARG A 288 -24.96 -2.44 -0.27
CA ARG A 288 -26.33 -2.45 -0.81
C ARG A 288 -26.78 -3.83 -1.26
N ASN A 289 -26.53 -4.84 -0.42
CA ASN A 289 -27.01 -6.20 -0.67
C ASN A 289 -26.55 -6.75 -2.03
N SER A 290 -25.33 -6.38 -2.40
CA SER A 290 -24.72 -6.87 -3.62
C SER A 290 -23.34 -7.43 -3.31
N VAL A 291 -22.54 -7.60 -4.35
CA VAL A 291 -21.16 -8.06 -4.23
C VAL A 291 -20.34 -7.21 -5.21
N LEU A 292 -19.18 -6.78 -4.75
CA LEU A 292 -18.32 -5.89 -5.54
C LEU A 292 -17.29 -6.68 -6.34
N LEU A 293 -17.42 -6.64 -7.66
CA LEU A 293 -16.40 -7.19 -8.55
C LEU A 293 -15.52 -6.05 -9.04
N LEU A 294 -14.30 -5.98 -8.50
CA LEU A 294 -13.43 -4.83 -8.75
C LEU A 294 -12.26 -5.22 -9.68
N ASN A 295 -12.16 -4.54 -10.82
CA ASN A 295 -11.14 -4.85 -11.81
C ASN A 295 -9.76 -4.21 -11.57
N PHE A 296 -8.72 -5.04 -11.59
CA PHE A 296 -7.32 -4.59 -11.56
C PHE A 296 -6.70 -5.06 -12.87
N PRO A 297 -6.39 -4.13 -13.78
CA PRO A 297 -5.83 -4.58 -15.06
C PRO A 297 -4.29 -4.74 -15.04
N PRO A 298 -3.81 -5.97 -15.25
CA PRO A 298 -2.35 -6.16 -15.27
C PRO A 298 -1.74 -5.46 -16.50
N ASP A 299 -0.48 -5.03 -16.39
CA ASP A 299 0.13 -4.25 -17.45
C ASP A 299 0.96 -5.11 -18.39
N ARG A 300 1.81 -4.47 -19.21
CA ARG A 300 2.64 -5.18 -20.18
C ARG A 300 3.74 -6.04 -19.57
N ARG A 301 4.21 -5.68 -18.37
N ARG A 301 4.21 -5.71 -18.38
CA ARG A 301 5.13 -6.55 -17.62
CA ARG A 301 5.15 -6.61 -17.71
C ARG A 301 4.39 -7.81 -17.19
C ARG A 301 4.39 -7.84 -17.21
N GLY A 302 3.10 -7.66 -16.90
CA GLY A 302 2.28 -8.75 -16.38
C GLY A 302 2.15 -8.62 -14.87
N LEU A 303 2.24 -7.39 -14.37
CA LEU A 303 2.15 -7.11 -12.94
C LEU A 303 0.94 -6.23 -12.68
N ILE A 304 0.45 -6.21 -11.44
CA ILE A 304 -0.55 -5.23 -11.03
C ILE A 304 0.20 -3.98 -10.57
N HIS A 305 -0.22 -2.80 -11.07
CA HIS A 305 0.41 -1.53 -10.69
C HIS A 305 0.27 -1.26 -9.18
N SER A 306 1.25 -0.56 -8.60
CA SER A 306 1.30 -0.37 -7.15
C SER A 306 0.30 0.64 -6.61
N THR A 307 -0.16 1.57 -7.43
CA THR A 307 -1.18 2.49 -6.96
C THR A 307 -2.47 1.71 -6.77
N ASP A 308 -2.83 0.91 -7.78
CA ASP A 308 -3.96 0.00 -7.66
C ASP A 308 -3.85 -0.84 -6.39
N SER A 309 -2.73 -1.53 -6.20
CA SER A 309 -2.48 -2.27 -4.95
C SER A 309 -2.65 -1.41 -3.70
N LEU A 310 -1.95 -0.28 -3.64
CA LEU A 310 -1.98 0.55 -2.44
C LEU A 310 -3.39 0.97 -2.07
N HIS A 311 -4.17 1.40 -3.06
CA HIS A 311 -5.51 1.87 -2.76
C HIS A 311 -6.43 0.74 -2.30
N ALA A 312 -6.29 -0.43 -2.91
CA ALA A 312 -7.08 -1.57 -2.47
C ALA A 312 -6.67 -1.98 -1.06
N ALA A 313 -5.37 -1.94 -0.78
CA ALA A 313 -4.88 -2.33 0.54
C ALA A 313 -5.37 -1.36 1.62
N LEU A 314 -5.43 -0.07 1.31
CA LEU A 314 -5.88 0.92 2.29
C LEU A 314 -7.40 0.84 2.49
N LEU A 315 -8.14 0.49 1.44
CA LEU A 315 -9.56 0.25 1.58
C LEU A 315 -9.79 -0.84 2.61
N LYS A 316 -9.10 -1.97 2.44
CA LYS A 316 -9.15 -3.07 3.38
C LYS A 316 -8.82 -2.62 4.81
N GLN A 317 -7.74 -1.85 4.94
CA GLN A 317 -7.33 -1.34 6.22
C GLN A 317 -8.44 -0.49 6.84
N GLY A 318 -9.06 0.37 6.03
CA GLY A 318 -10.10 1.26 6.52
C GLY A 318 -11.35 0.50 6.94
N ILE A 319 -11.70 -0.52 6.17
CA ILE A 319 -12.85 -1.35 6.48
C ILE A 319 -12.63 -2.07 7.82
N ASP A 320 -11.46 -2.69 7.96
CA ASP A 320 -11.13 -3.38 9.19
C ASP A 320 -11.20 -2.47 10.41
N GLU A 321 -10.64 -1.26 10.31
CA GLU A 321 -10.68 -0.34 11.45
C GLU A 321 -12.12 0.10 11.75
N THR A 322 -12.84 0.50 10.71
CA THR A 322 -14.23 0.92 10.85
C THR A 322 -15.06 -0.10 11.62
N PHE A 323 -15.05 -1.35 11.15
CA PHE A 323 -15.97 -2.35 11.70
C PHE A 323 -15.38 -3.25 12.79
N SER A 324 -14.21 -2.89 13.30
CA SER A 324 -13.58 -3.71 14.34
C SER A 324 -14.31 -3.60 15.68
N THR A 325 -14.87 -2.43 15.98
CA THR A 325 -15.64 -2.27 17.21
C THR A 325 -17.10 -1.90 16.94
N ASN A 326 -18.01 -2.83 17.19
CA ASN A 326 -19.44 -2.51 17.21
C ASN A 326 -19.74 -1.71 18.48
N LEU A 327 -20.00 -0.42 18.32
CA LEU A 327 -20.14 0.47 19.45
C LEU A 327 -21.43 0.26 20.24
N LEU A 328 -22.27 -0.67 19.80
CA LEU A 328 -23.48 -1.02 20.55
C LEU A 328 -23.21 -2.09 21.59
N ARG A 329 -22.05 -2.73 21.52
CA ARG A 329 -21.75 -3.81 22.47
C ARG A 329 -21.61 -3.29 23.91
N GLY A 330 -22.14 -4.08 24.85
CA GLY A 330 -22.23 -3.65 26.23
C GLY A 330 -23.56 -2.99 26.56
N ALA A 331 -24.41 -2.81 25.56
CA ALA A 331 -25.69 -2.15 25.80
C ALA A 331 -26.65 -3.05 26.54
N LYS A 332 -27.60 -2.43 27.23
CA LYS A 332 -28.77 -3.16 27.73
C LYS A 332 -29.79 -3.15 26.59
N VAL A 333 -30.33 -4.32 26.26
CA VAL A 333 -31.23 -4.44 25.11
C VAL A 333 -32.69 -4.78 25.46
N LYS A 334 -33.59 -3.93 25.00
CA LYS A 334 -35.02 -4.14 25.18
C LYS A 334 -35.70 -4.13 23.81
N ALA A 335 -36.62 -5.06 23.60
CA ALA A 335 -37.33 -5.15 22.33
C ALA A 335 -38.75 -5.63 22.51
N THR A 336 -39.63 -5.15 21.65
CA THR A 336 -40.96 -5.75 21.48
C THR A 336 -40.83 -6.85 20.43
N ASN A 337 -41.82 -7.74 20.36
CA ASN A 337 -41.84 -8.80 19.34
C ASN A 337 -40.59 -9.70 19.34
N VAL A 338 -40.38 -10.42 20.44
CA VAL A 338 -39.23 -11.31 20.54
C VAL A 338 -39.67 -12.76 20.53
N ARG A 339 -39.17 -13.54 19.59
CA ARG A 339 -39.62 -14.92 19.41
C ARG A 339 -39.31 -15.83 20.59
N GLY A 340 -38.24 -15.53 21.31
CA GLY A 340 -37.79 -16.36 22.41
C GLY A 340 -36.35 -16.00 22.74
N ALA A 341 -35.81 -16.59 23.82
CA ALA A 341 -34.46 -16.27 24.28
C ALA A 341 -33.41 -16.66 23.25
N LYS A 342 -33.60 -17.84 22.66
CA LYS A 342 -32.83 -18.34 21.54
C LYS A 342 -32.70 -17.29 20.43
N TYR A 343 -33.71 -16.43 20.30
CA TYR A 343 -33.72 -15.39 19.28
C TYR A 343 -33.74 -13.99 19.88
N SER A 344 -33.17 -13.81 21.06
CA SER A 344 -33.20 -12.51 21.72
C SER A 344 -32.47 -11.44 20.89
N PRO A 345 -32.88 -10.17 21.05
CA PRO A 345 -32.28 -9.07 20.28
C PRO A 345 -30.78 -8.93 20.50
N GLU A 346 -30.27 -9.41 21.63
CA GLU A 346 -28.84 -9.35 21.91
C GLU A 346 -28.02 -10.12 20.87
N LYS A 347 -28.67 -11.08 20.19
CA LYS A 347 -28.00 -11.89 19.17
C LYS A 347 -27.49 -11.05 18.02
N MET A 348 -28.06 -9.87 17.84
CA MET A 348 -27.59 -8.92 16.80
C MET A 348 -26.19 -8.38 17.12
N LEU A 349 -25.75 -8.56 18.37
CA LEU A 349 -24.54 -7.92 18.86
C LEU A 349 -23.44 -8.91 19.21
N ASP A 350 -23.72 -10.20 19.09
CA ASP A 350 -22.80 -11.21 19.62
C ASP A 350 -21.67 -11.70 18.70
N ASN A 351 -21.58 -11.15 17.50
CA ASN A 351 -20.57 -11.58 16.51
C ASN A 351 -20.50 -13.08 16.22
N GLU A 352 -21.59 -13.80 16.51
CA GLU A 352 -21.64 -15.22 16.19
C GLU A 352 -22.18 -15.43 14.79
N LYS A 353 -21.73 -16.50 14.14
CA LYS A 353 -22.10 -16.78 12.77
C LYS A 353 -23.56 -17.21 12.63
N ASN A 354 -24.02 -18.04 13.56
CA ASN A 354 -25.28 -18.77 13.37
C ASN A 354 -26.48 -18.29 14.21
N THR A 355 -26.29 -17.26 15.01
CA THR A 355 -27.37 -16.74 15.84
C THR A 355 -28.02 -15.51 15.23
N TYR A 356 -29.26 -15.21 15.64
CA TYR A 356 -29.95 -14.02 15.16
C TYR A 356 -31.16 -13.68 16.02
N PHE A 357 -31.51 -12.40 16.04
CA PHE A 357 -32.78 -11.92 16.55
C PHE A 357 -33.92 -12.33 15.61
N ALA A 358 -35.07 -12.69 16.18
CA ALA A 358 -36.26 -13.01 15.37
C ALA A 358 -37.54 -12.55 16.05
N GLY A 359 -38.53 -12.21 15.22
CA GLY A 359 -39.85 -11.85 15.72
C GLY A 359 -40.76 -13.07 15.77
N LYS A 360 -42.01 -12.84 16.17
CA LYS A 360 -43.00 -13.90 16.24
C LYS A 360 -43.77 -13.99 14.93
N ASP A 361 -44.20 -15.20 14.56
CA ASP A 361 -44.95 -15.40 13.33
C ASP A 361 -46.14 -14.45 13.21
N GLY A 362 -46.29 -13.84 12.03
CA GLY A 362 -47.40 -12.94 11.77
C GLY A 362 -47.10 -11.51 12.16
N GLU A 363 -46.06 -11.33 12.97
CA GLU A 363 -45.75 -10.01 13.47
C GLU A 363 -44.53 -9.43 12.75
N VAL A 364 -44.75 -8.46 11.87
CA VAL A 364 -43.67 -7.97 11.01
C VAL A 364 -42.94 -6.75 11.59
N LYS A 365 -43.52 -6.13 12.60
CA LYS A 365 -42.92 -4.95 13.21
C LYS A 365 -42.16 -5.35 14.47
N ALA A 366 -41.17 -4.53 14.81
CA ALA A 366 -40.42 -4.68 16.06
C ALA A 366 -39.78 -3.35 16.42
N ASP A 367 -39.57 -3.13 17.70
CA ASP A 367 -38.83 -1.98 18.18
C ASP A 367 -37.74 -2.52 19.09
N ILE A 368 -36.49 -2.15 18.81
CA ILE A 368 -35.38 -2.61 19.64
C ILE A 368 -34.58 -1.41 20.12
N ILE A 369 -34.46 -1.28 21.44
CA ILE A 369 -33.73 -0.16 22.03
C ILE A 369 -32.45 -0.63 22.71
N PHE A 370 -31.34 -0.04 22.29
CA PHE A 370 -30.04 -0.31 22.88
C PHE A 370 -29.68 0.85 23.79
N THR A 371 -29.52 0.57 25.08
CA THR A 371 -29.14 1.61 26.03
C THR A 371 -27.68 1.43 26.41
N LEU A 372 -26.88 2.47 26.17
CA LEU A 372 -25.43 2.35 26.30
C LEU A 372 -24.92 2.81 27.66
N PRO A 373 -23.93 2.07 28.20
CA PRO A 373 -23.26 2.43 29.46
C PRO A 373 -22.68 3.84 29.40
N LYS A 374 -21.94 4.15 28.34
CA LYS A 374 -21.44 5.50 28.14
C LYS A 374 -21.94 6.05 26.81
N THR A 375 -22.20 7.36 26.77
CA THR A 375 -22.63 7.99 25.52
C THR A 375 -21.58 7.82 24.43
N ILE A 376 -22.00 7.41 23.23
CA ILE A 376 -21.06 7.15 22.14
C ILE A 376 -21.19 8.12 20.97
N GLU A 377 -20.19 8.10 20.10
CA GLU A 377 -20.24 8.87 18.87
C GLU A 377 -20.04 7.93 17.67
N PHE A 378 -20.95 7.99 16.70
CA PHE A 378 -20.83 7.16 15.51
C PHE A 378 -21.24 7.90 14.24
N ASP A 379 -20.79 7.40 13.08
CA ASP A 379 -21.13 8.01 11.79
C ASP A 379 -21.36 6.96 10.71
N CYS A 380 -21.68 5.75 11.15
CA CYS A 380 -21.87 4.64 10.23
C CYS A 380 -22.70 3.58 10.93
N LEU A 381 -23.54 2.90 10.18
CA LEU A 381 -24.28 1.76 10.72
C LEU A 381 -24.40 0.63 9.70
N MET A 382 -24.62 -0.58 10.19
CA MET A 382 -24.72 -1.74 9.33
C MET A 382 -25.78 -2.73 9.86
N ILE A 383 -26.52 -3.35 8.96
CA ILE A 383 -27.51 -4.32 9.37
C ILE A 383 -27.49 -5.49 8.38
N GLU A 384 -27.67 -6.70 8.90
CA GLU A 384 -27.61 -7.90 8.08
C GLU A 384 -28.77 -8.82 8.40
N GLU A 385 -29.49 -9.23 7.36
CA GLU A 385 -30.66 -10.12 7.48
C GLU A 385 -30.22 -11.58 7.32
N VAL A 386 -31.06 -12.50 7.81
CA VAL A 386 -30.81 -13.92 7.59
C VAL A 386 -31.37 -14.26 6.24
N ILE A 387 -30.53 -14.19 5.21
CA ILE A 387 -31.01 -14.31 3.84
C ILE A 387 -31.51 -15.70 3.47
N GLU A 388 -31.07 -16.72 4.20
CA GLU A 388 -31.62 -18.07 3.98
C GLU A 388 -33.13 -18.09 4.20
N LEU A 389 -33.64 -17.12 4.95
CA LEU A 389 -35.08 -17.07 5.23
C LEU A 389 -35.80 -16.07 4.32
N GLY A 390 -35.12 -15.62 3.27
CA GLY A 390 -35.71 -14.73 2.28
C GLY A 390 -35.74 -13.27 2.70
N HIS A 391 -36.13 -12.39 1.78
CA HIS A 391 -36.31 -10.99 2.12
C HIS A 391 -37.55 -10.89 3.01
N ARG A 392 -37.36 -10.47 4.27
CA ARG A 392 -38.48 -10.43 5.22
C ARG A 392 -38.89 -9.01 5.60
N THR A 393 -37.93 -8.18 5.97
CA THR A 393 -38.20 -6.79 6.35
C THR A 393 -38.15 -5.91 5.13
N THR A 394 -39.08 -4.97 5.04
CA THR A 394 -39.15 -4.13 3.84
C THR A 394 -39.21 -2.66 4.20
N LYS A 395 -39.17 -2.35 5.50
CA LYS A 395 -39.07 -0.96 5.93
C LYS A 395 -38.44 -0.87 7.31
N TRP A 396 -37.40 -0.04 7.43
CA TRP A 396 -36.71 0.10 8.72
C TRP A 396 -36.09 1.48 8.88
N SER A 397 -35.94 1.90 10.12
CA SER A 397 -35.30 3.17 10.45
C SER A 397 -34.46 3.05 11.70
N VAL A 398 -33.55 4.01 11.88
CA VAL A 398 -32.72 4.08 13.08
C VAL A 398 -32.84 5.46 13.70
N GLU A 399 -32.93 5.50 15.03
CA GLU A 399 -33.06 6.75 15.77
C GLU A 399 -32.14 6.73 16.98
N TYR A 400 -31.97 7.88 17.60
CA TYR A 400 -31.15 7.96 18.80
C TYR A 400 -31.66 9.03 19.74
N THR A 401 -31.10 9.03 20.95
CA THR A 401 -31.32 10.13 21.88
C THR A 401 -30.10 10.30 22.76
N VAL A 402 -29.98 11.49 23.33
CA VAL A 402 -28.91 11.80 24.28
C VAL A 402 -29.47 12.02 25.69
N ASP A 403 -30.66 12.62 25.76
CA ASP A 403 -31.25 12.94 27.06
C ASP A 403 -32.26 11.91 27.56
N GLY A 404 -32.62 10.95 26.70
CA GLY A 404 -33.53 9.89 27.10
C GLY A 404 -34.99 10.19 26.83
N LYS A 405 -35.29 11.43 26.45
CA LYS A 405 -36.68 11.83 26.21
C LYS A 405 -36.97 12.16 24.74
N ASN A 406 -35.96 12.67 24.03
CA ASN A 406 -36.14 13.09 22.65
C ASN A 406 -35.54 12.13 21.61
N TRP A 407 -36.35 11.22 21.07
CA TRP A 407 -35.91 10.39 19.95
C TRP A 407 -35.67 11.25 18.72
N ILE A 408 -34.45 11.24 18.22
CA ILE A 408 -34.08 12.03 17.06
C ILE A 408 -33.88 11.09 15.86
N THR A 409 -34.34 11.50 14.69
CA THR A 409 -34.20 10.66 13.51
C THR A 409 -32.80 10.80 12.92
N ILE A 410 -32.32 9.74 12.28
CA ILE A 410 -31.13 9.83 11.46
C ILE A 410 -31.59 9.87 10.02
N PRO A 411 -31.52 11.05 9.40
CA PRO A 411 -32.05 11.31 8.05
C PRO A 411 -31.62 10.24 7.05
N GLU A 412 -30.33 9.86 7.09
CA GLU A 412 -29.78 8.87 6.17
C GLU A 412 -30.30 7.47 6.44
N ALA A 413 -30.81 7.24 7.65
CA ALA A 413 -31.31 5.91 8.03
C ALA A 413 -32.79 5.99 8.38
N THR A 414 -33.55 6.68 7.54
CA THR A 414 -34.98 6.85 7.78
C THR A 414 -35.77 6.26 6.62
N ASP A 415 -36.68 5.33 6.94
CA ASP A 415 -37.54 4.67 5.94
C ASP A 415 -36.74 3.98 4.84
N LYS A 416 -35.68 3.28 5.25
CA LYS A 416 -34.96 2.42 4.33
C LYS A 416 -35.85 1.22 4.08
N GLN A 417 -35.58 0.50 2.99
CA GLN A 417 -36.46 -0.62 2.67
C GLN A 417 -35.73 -1.96 2.74
N ALA A 418 -34.78 -2.17 1.83
CA ALA A 418 -34.10 -3.47 1.78
C ALA A 418 -33.08 -3.63 2.91
N ILE A 419 -32.92 -4.86 3.36
CA ILE A 419 -31.76 -5.23 4.19
C ILE A 419 -30.94 -6.27 3.43
N GLY A 420 -31.49 -7.48 3.30
CA GLY A 420 -30.78 -8.55 2.63
C GLY A 420 -29.47 -8.92 3.31
N HIS A 421 -28.48 -9.28 2.51
CA HIS A 421 -27.19 -9.77 3.02
C HIS A 421 -26.49 -8.75 3.91
N LYS A 422 -26.51 -7.49 3.48
CA LYS A 422 -25.84 -6.43 4.21
C LYS A 422 -26.32 -5.07 3.68
N TRP A 423 -26.64 -4.15 4.59
CA TRP A 423 -26.88 -2.77 4.19
C TRP A 423 -26.05 -1.85 5.09
N ILE A 424 -25.33 -0.92 4.46
CA ILE A 424 -24.50 0.01 5.20
C ILE A 424 -25.00 1.43 4.99
N VAL A 425 -25.10 2.20 6.09
CA VAL A 425 -25.48 3.59 5.99
C VAL A 425 -24.42 4.45 6.68
N ARG A 426 -23.90 5.43 5.94
CA ARG A 426 -23.04 6.45 6.52
C ARG A 426 -23.88 7.67 6.83
N LEU A 427 -23.52 8.37 7.90
CA LEU A 427 -24.32 9.49 8.36
C LEU A 427 -23.42 10.52 9.00
N ALA A 428 -23.89 11.77 9.01
CA ALA A 428 -23.21 12.82 9.77
C ALA A 428 -23.15 12.39 11.23
N PRO A 429 -21.97 12.53 11.85
CA PRO A 429 -21.65 12.13 13.23
C PRO A 429 -22.71 12.53 14.25
N VAL A 430 -23.18 11.56 15.03
CA VAL A 430 -24.13 11.84 16.10
C VAL A 430 -23.56 11.33 17.42
N LYS A 431 -23.96 11.98 18.52
CA LYS A 431 -23.67 11.46 19.85
C LYS A 431 -24.94 10.84 20.41
N ALA A 432 -24.83 9.69 21.08
CA ALA A 432 -26.03 9.00 21.55
C ALA A 432 -25.85 8.18 22.83
N LYS A 433 -26.88 8.20 23.68
CA LYS A 433 -26.92 7.36 24.88
C LYS A 433 -27.77 6.11 24.62
N GLN A 434 -28.76 6.26 23.75
CA GLN A 434 -29.59 5.13 23.34
C GLN A 434 -29.77 5.17 21.84
N VAL A 435 -29.90 3.98 21.25
CA VAL A 435 -30.11 3.84 19.82
C VAL A 435 -31.32 2.94 19.60
N ARG A 436 -32.26 3.42 18.79
CA ARG A 436 -33.47 2.65 18.54
C ARG A 436 -33.51 2.10 17.10
N LEU A 437 -33.69 0.79 17.00
CA LEU A 437 -33.85 0.14 15.70
C LEU A 437 -35.34 -0.16 15.45
N ARG A 438 -35.92 0.51 14.45
CA ARG A 438 -37.34 0.32 14.14
C ARG A 438 -37.56 -0.53 12.89
N ILE A 439 -38.08 -1.74 13.11
CA ILE A 439 -38.51 -2.57 12.00
C ILE A 439 -39.98 -2.24 11.77
N GLN A 440 -40.24 -1.42 10.74
CA GLN A 440 -41.57 -0.81 10.55
C GLN A 440 -42.54 -1.58 9.66
N ASP A 441 -42.01 -2.46 8.81
CA ASP A 441 -42.86 -3.23 7.90
C ASP A 441 -42.09 -4.39 7.26
N GLY A 442 -42.82 -5.37 6.76
CA GLY A 442 -42.21 -6.54 6.15
C GLY A 442 -43.24 -7.54 5.67
N LYS A 443 -42.78 -8.59 5.00
CA LYS A 443 -43.65 -9.65 4.52
C LYS A 443 -43.75 -10.75 5.58
N ALA A 444 -42.76 -10.83 6.44
CA ALA A 444 -42.75 -11.81 7.52
C ALA A 444 -42.02 -11.25 8.74
N CYS A 445 -42.03 -12.01 9.84
CA CYS A 445 -41.35 -11.56 11.04
C CYS A 445 -39.86 -11.38 10.77
N PRO A 446 -39.27 -10.34 11.37
CA PRO A 446 -37.86 -10.04 11.12
C PRO A 446 -36.95 -11.16 11.59
N ALA A 447 -35.84 -11.33 10.87
CA ALA A 447 -34.79 -12.26 11.27
C ALA A 447 -33.46 -11.59 10.95
N ILE A 448 -32.77 -11.14 11.99
CA ILE A 448 -31.62 -10.26 11.82
C ILE A 448 -30.36 -10.78 12.50
N HIS A 449 -29.35 -11.11 11.69
CA HIS A 449 -28.06 -11.61 12.18
C HIS A 449 -27.28 -10.54 12.94
N THR A 450 -27.27 -9.33 12.40
CA THR A 450 -26.31 -8.32 12.85
C THR A 450 -26.91 -6.92 12.83
N PHE A 451 -26.58 -6.16 13.86
CA PHE A 451 -26.82 -4.73 13.85
C PHE A 451 -25.71 -4.07 14.64
N GLY A 452 -25.21 -2.94 14.14
CA GLY A 452 -24.12 -2.26 14.82
C GLY A 452 -24.02 -0.83 14.35
N VAL A 453 -23.39 0.01 15.18
CA VAL A 453 -23.03 1.36 14.74
C VAL A 453 -21.53 1.51 14.90
N TYR A 454 -20.92 2.38 14.10
CA TYR A 454 -19.47 2.39 14.00
C TYR A 454 -18.91 3.78 13.75
N LYS A 455 -17.60 3.90 13.92
CA LYS A 455 -16.88 5.11 13.61
C LYS A 455 -15.97 4.84 12.41
N GLN A 456 -16.21 5.54 11.30
CA GLN A 456 -15.42 5.36 10.09
C GLN A 456 -13.95 5.63 10.33
N SER A 457 -13.10 4.80 9.73
CA SER A 457 -11.64 4.97 9.81
C SER A 457 -11.19 6.32 9.26
N PRO A 458 -10.17 6.91 9.90
CA PRO A 458 -9.55 8.16 9.43
C PRO A 458 -9.02 7.98 8.00
N VAL A 459 -8.72 6.75 7.60
CA VAL A 459 -8.24 6.45 6.25
C VAL A 459 -9.22 6.97 5.22
N PHE A 460 -10.49 6.97 5.58
CA PHE A 460 -11.53 7.46 4.70
C PHE A 460 -11.63 8.98 4.83
N SER B 2 19.46 32.87 27.10
CA SER B 2 19.46 31.73 26.18
C SER B 2 20.50 30.69 26.59
N LEU B 3 20.31 29.45 26.13
CA LEU B 3 21.27 28.38 26.38
C LEU B 3 22.42 28.48 25.40
N ALA B 4 23.62 28.20 25.89
CA ALA B 4 24.79 28.10 25.03
C ALA B 4 24.92 26.63 24.62
N PRO B 5 25.47 26.39 23.41
CA PRO B 5 25.66 25.02 22.91
C PRO B 5 26.68 24.25 23.73
N CYS B 6 26.51 22.93 23.78
CA CYS B 6 27.45 22.05 24.47
C CYS B 6 28.25 21.25 23.45
N GLY B 7 29.58 21.42 23.46
CA GLY B 7 30.44 20.73 22.53
C GLY B 7 30.25 21.10 21.07
N LEU B 8 30.47 20.13 20.18
CA LEU B 8 30.38 20.36 18.74
C LEU B 8 28.94 20.42 18.26
N VAL B 9 28.67 21.27 17.27
CA VAL B 9 27.29 21.49 16.80
C VAL B 9 27.17 21.24 15.31
N PRO B 10 25.96 20.87 14.84
CA PRO B 10 25.78 20.59 13.41
C PRO B 10 25.90 21.85 12.56
N SER B 11 26.28 21.71 11.29
CA SER B 11 26.28 22.83 10.38
C SER B 11 24.88 22.97 9.80
N ALA B 12 24.65 24.03 9.03
CA ALA B 12 23.34 24.22 8.40
C ALA B 12 23.01 23.09 7.41
N ARG B 13 24.00 22.68 6.62
CA ARG B 13 23.84 21.55 5.72
C ARG B 13 23.46 20.30 6.50
N GLN B 14 24.10 20.09 7.64
CA GLN B 14 23.83 18.90 8.43
C GLN B 14 22.43 18.94 9.03
N LEU B 15 21.99 20.12 9.44
CA LEU B 15 20.62 20.30 9.91
C LEU B 15 19.64 19.98 8.80
N GLU B 16 19.90 20.50 7.60
CA GLU B 16 19.01 20.27 6.47
C GLU B 16 18.91 18.77 6.15
N TRP B 17 20.06 18.10 6.20
CA TRP B 17 20.13 16.65 5.94
C TRP B 17 19.39 15.81 6.99
N TYR B 18 19.57 16.13 8.27
CA TYR B 18 18.88 15.42 9.36
C TYR B 18 17.36 15.49 9.19
N ASN B 19 16.90 16.65 8.74
CA ASN B 19 15.48 16.91 8.60
C ASN B 19 14.82 16.12 7.48
N ARG B 20 15.62 15.60 6.54
CA ARG B 20 15.08 14.77 5.47
C ARG B 20 14.54 13.47 6.05
N GLU B 21 15.22 12.98 7.10
CA GLU B 21 14.91 11.69 7.73
C GLU B 21 15.13 10.47 6.82
N MET B 22 14.60 10.51 5.61
CA MET B 22 14.83 9.44 4.63
C MET B 22 15.29 9.99 3.29
N ILE B 23 16.12 9.19 2.60
CA ILE B 23 16.63 9.55 1.30
C ILE B 23 16.53 8.27 0.49
N ALA B 24 16.23 8.39 -0.81
CA ALA B 24 16.19 7.22 -1.68
C ALA B 24 17.49 7.08 -2.46
N PHE B 25 17.88 5.83 -2.69
CA PHE B 25 19.03 5.49 -3.53
C PHE B 25 18.43 4.86 -4.80
N PHE B 26 19.00 5.15 -5.95
CA PHE B 26 18.64 4.43 -7.18
C PHE B 26 19.90 3.90 -7.83
N HIS B 27 20.14 2.60 -7.64
CA HIS B 27 21.26 1.94 -8.31
C HIS B 27 20.76 1.47 -9.66
N PHE B 28 21.30 2.09 -10.70
CA PHE B 28 20.85 1.87 -12.04
C PHE B 28 22.03 2.12 -12.96
N GLY B 29 22.24 1.24 -13.92
CA GLY B 29 23.34 1.39 -14.84
C GLY B 29 23.49 0.19 -15.73
N ILE B 30 24.72 -0.03 -16.19
CA ILE B 30 25.01 -1.10 -17.11
C ILE B 30 24.90 -2.48 -16.42
N ASN B 31 25.23 -2.55 -15.13
CA ASN B 31 25.02 -3.75 -14.31
C ASN B 31 23.61 -4.33 -14.47
N THR B 32 22.63 -3.43 -14.53
CA THR B 32 21.23 -3.83 -14.60
C THR B 32 20.96 -4.73 -15.81
N PHE B 33 21.76 -4.56 -16.86
CA PHE B 33 21.53 -5.27 -18.12
C PHE B 33 22.47 -6.45 -18.33
N GLU B 34 23.27 -6.74 -17.32
CA GLU B 34 23.98 -8.01 -17.27
C GLU B 34 23.16 -8.98 -16.43
N GLU B 35 23.58 -10.24 -16.38
CA GLU B 35 22.80 -11.25 -15.67
C GLU B 35 23.35 -11.43 -14.25
N TYR B 36 22.59 -10.97 -13.26
CA TYR B 36 22.97 -11.09 -11.85
C TYR B 36 24.32 -10.43 -11.52
N VAL B 37 24.53 -9.20 -11.99
CA VAL B 37 25.77 -8.48 -11.67
C VAL B 37 25.48 -7.31 -10.74
N ASN B 38 26.25 -7.23 -9.64
CA ASN B 38 26.17 -6.07 -8.74
C ASN B 38 27.44 -5.24 -8.74
N GLU B 39 28.52 -5.83 -9.24
CA GLU B 39 29.79 -5.12 -9.33
C GLU B 39 30.37 -5.44 -10.69
N GLY B 40 30.29 -4.49 -11.62
CA GLY B 40 30.67 -4.71 -13.01
C GLY B 40 32.14 -4.50 -13.27
N ASP B 41 32.68 -5.21 -14.27
CA ASP B 41 34.12 -5.17 -14.50
C ASP B 41 34.59 -4.02 -15.39
N GLY B 42 33.65 -3.29 -16.00
CA GLY B 42 34.02 -2.18 -16.88
C GLY B 42 34.32 -2.65 -18.30
N LYS B 43 33.97 -3.90 -18.60
CA LYS B 43 34.24 -4.48 -19.91
C LYS B 43 32.97 -4.75 -20.69
N ALA B 44 31.81 -4.65 -20.04
CA ALA B 44 30.54 -4.86 -20.75
C ALA B 44 30.40 -3.82 -21.85
N SER B 45 29.79 -4.21 -22.96
CA SER B 45 29.61 -3.29 -24.09
C SER B 45 28.57 -2.25 -23.71
N THR B 46 28.82 -1.00 -24.07
CA THR B 46 27.87 0.07 -23.78
C THR B 46 26.53 -0.26 -24.44
N ALA B 47 26.61 -1.01 -25.53
CA ALA B 47 25.44 -1.32 -26.33
C ALA B 47 24.32 -1.97 -25.52
N ILE B 48 24.66 -2.74 -24.49
CA ILE B 48 23.64 -3.50 -23.76
C ILE B 48 22.71 -2.62 -22.91
N PHE B 49 23.14 -1.39 -22.62
CA PHE B 49 22.29 -0.50 -21.84
C PHE B 49 21.10 -0.05 -22.67
N ASN B 50 19.92 -0.52 -22.30
CA ASN B 50 18.76 -0.28 -23.13
C ASN B 50 17.44 -0.41 -22.36
N PRO B 51 17.21 0.49 -21.38
CA PRO B 51 15.92 0.47 -20.70
C PRO B 51 14.77 0.70 -21.69
N THR B 52 13.74 -0.14 -21.62
CA THR B 52 12.67 -0.14 -22.63
C THR B 52 11.49 0.80 -22.34
N ALA B 53 11.40 1.33 -21.13
CA ALA B 53 10.28 2.21 -20.78
C ALA B 53 10.65 3.13 -19.64
N LEU B 54 11.86 3.68 -19.69
CA LEU B 54 12.38 4.50 -18.61
C LEU B 54 11.50 5.71 -18.32
N ASP B 55 11.21 5.93 -17.04
CA ASP B 55 10.35 7.03 -16.63
C ASP B 55 10.68 7.40 -15.20
N CYS B 56 11.60 8.36 -15.03
CA CYS B 56 11.97 8.79 -13.68
C CYS B 56 10.81 9.41 -12.89
N ARG B 57 9.75 9.82 -13.58
CA ARG B 57 8.57 10.38 -12.91
C ARG B 57 7.89 9.29 -12.10
N GLN B 58 7.96 8.06 -12.61
CA GLN B 58 7.45 6.90 -11.90
C GLN B 58 8.27 6.65 -10.62
N TRP B 59 9.57 6.94 -10.68
CA TRP B 59 10.42 6.81 -9.50
C TRP B 59 9.98 7.83 -8.45
N MET B 60 9.72 9.06 -8.89
CA MET B 60 9.26 10.12 -7.97
C MET B 60 7.89 9.84 -7.35
N GLN B 61 6.95 9.30 -8.12
CA GLN B 61 5.65 8.92 -7.54
C GLN B 61 5.86 7.93 -6.40
N THR B 62 6.76 6.96 -6.61
CA THR B 62 7.13 6.01 -5.57
C THR B 62 7.58 6.75 -4.31
N LEU B 63 8.48 7.71 -4.48
CA LEU B 63 8.99 8.47 -3.34
C LEU B 63 7.91 9.34 -2.71
N LYS B 64 7.02 9.89 -3.53
CA LYS B 64 5.92 10.71 -3.04
C LYS B 64 5.03 9.92 -2.09
N ALA B 65 4.54 8.78 -2.58
CA ALA B 65 3.71 7.89 -1.78
C ALA B 65 4.45 7.41 -0.52
N ALA B 66 5.78 7.43 -0.55
CA ALA B 66 6.56 6.91 0.56
C ALA B 66 7.03 7.97 1.55
N GLY B 67 6.79 9.24 1.22
CA GLY B 67 7.17 10.32 2.13
C GLY B 67 8.64 10.67 2.09
N ILE B 68 9.30 10.31 1.00
CA ILE B 68 10.74 10.51 0.88
C ILE B 68 11.05 11.75 0.04
N PRO B 69 11.73 12.74 0.67
CA PRO B 69 11.95 14.09 0.12
C PRO B 69 13.20 14.26 -0.75
N ALA B 70 14.03 13.22 -0.85
CA ALA B 70 15.32 13.36 -1.53
C ALA B 70 15.72 12.05 -2.22
N ALA B 71 16.61 12.13 -3.21
CA ALA B 71 16.99 10.94 -3.97
C ALA B 71 18.39 11.06 -4.54
N ILE B 72 19.12 9.95 -4.52
CA ILE B 72 20.48 9.92 -5.04
C ILE B 72 20.61 8.86 -6.14
N LEU B 73 21.05 9.31 -7.32
CA LEU B 73 21.20 8.42 -8.47
C LEU B 73 22.68 8.06 -8.65
N THR B 74 22.95 6.80 -8.97
CA THR B 74 24.32 6.41 -9.36
C THR B 74 24.62 6.91 -10.76
N ALA B 75 25.17 8.12 -10.86
CA ALA B 75 25.54 8.68 -12.16
C ALA B 75 26.64 7.83 -12.79
N LYS B 76 27.46 7.22 -11.94
CA LYS B 76 28.49 6.31 -12.39
C LYS B 76 28.88 5.40 -11.24
N HIS B 77 28.81 4.09 -11.46
CA HIS B 77 29.26 3.14 -10.45
C HIS B 77 30.71 2.74 -10.76
N ALA B 78 31.28 1.83 -9.97
CA ALA B 78 32.68 1.45 -10.13
C ALA B 78 32.97 0.83 -11.50
N ASP B 79 31.95 0.29 -12.15
CA ASP B 79 32.11 -0.21 -13.52
C ASP B 79 32.51 0.90 -14.48
N GLY B 80 32.27 2.15 -14.10
CA GLY B 80 32.71 3.29 -14.88
C GLY B 80 31.76 3.82 -15.95
N PHE B 81 30.64 3.13 -16.18
CA PHE B 81 29.67 3.55 -17.17
C PHE B 81 28.89 4.78 -16.72
N CYS B 82 28.92 5.85 -17.51
CA CYS B 82 28.28 7.10 -17.10
C CYS B 82 26.86 7.23 -17.63
N LEU B 83 25.95 7.74 -16.80
CA LEU B 83 24.54 7.78 -17.15
C LEU B 83 24.13 9.09 -17.83
N TRP B 84 25.13 9.94 -18.08
CA TRP B 84 24.95 11.20 -18.81
C TRP B 84 26.04 11.27 -19.90
N PRO B 85 25.73 11.94 -21.02
CA PRO B 85 26.68 12.00 -22.15
C PRO B 85 27.87 12.89 -21.85
N SER B 86 28.75 12.45 -20.95
CA SER B 86 29.95 13.22 -20.61
C SER B 86 30.82 13.50 -21.84
N LYS B 87 31.52 14.63 -21.83
CA LYS B 87 32.43 14.98 -22.92
C LYS B 87 33.76 14.30 -22.75
N TYR B 88 33.95 13.59 -21.64
CA TYR B 88 35.29 13.11 -21.30
C TYR B 88 35.45 11.60 -21.38
N THR B 89 34.42 10.92 -21.88
CA THR B 89 34.52 9.49 -22.06
C THR B 89 33.52 9.01 -23.09
N ASP B 90 33.83 7.90 -23.75
CA ASP B 90 32.83 7.24 -24.60
C ASP B 90 32.12 6.14 -23.82
N TYR B 91 32.53 5.89 -22.58
CA TYR B 91 31.92 4.78 -21.84
C TYR B 91 30.68 5.28 -21.10
N SER B 92 29.61 5.51 -21.86
CA SER B 92 28.42 6.17 -21.35
C SER B 92 27.22 5.92 -22.24
N VAL B 93 26.10 6.54 -21.86
CA VAL B 93 24.84 6.46 -22.59
C VAL B 93 24.94 7.01 -24.03
N LYS B 94 25.97 7.82 -24.27
CA LYS B 94 26.28 8.31 -25.62
C LYS B 94 26.44 7.16 -26.63
N ASN B 95 26.91 6.01 -26.15
CA ASN B 95 27.12 4.85 -27.02
C ASN B 95 26.29 3.63 -26.64
N ALA B 96 25.19 3.87 -25.92
CA ALA B 96 24.26 2.80 -25.61
C ALA B 96 23.30 2.61 -26.78
N ALA B 97 22.58 1.49 -26.78
CA ALA B 97 21.48 1.30 -27.73
C ALA B 97 20.28 2.19 -27.36
N TRP B 98 20.13 2.47 -26.08
CA TRP B 98 19.04 3.32 -25.57
C TRP B 98 18.96 4.64 -26.31
N LYS B 99 17.81 4.92 -26.91
CA LYS B 99 17.57 6.18 -27.62
C LYS B 99 18.65 6.47 -28.65
N ASN B 100 19.22 5.40 -29.19
CA ASN B 100 20.27 5.53 -30.18
C ASN B 100 21.44 6.42 -29.76
N GLY B 101 21.74 6.41 -28.46
CA GLY B 101 22.89 7.14 -27.94
C GLY B 101 22.58 8.60 -27.68
N LYS B 102 21.28 8.96 -27.74
CA LYS B 102 20.88 10.36 -27.57
C LYS B 102 20.25 10.66 -26.20
N GLY B 103 20.29 9.70 -25.29
CA GLY B 103 19.69 9.88 -23.98
C GLY B 103 20.59 10.51 -22.93
N ASP B 104 19.97 11.00 -21.86
CA ASP B 104 20.69 11.47 -20.68
C ASP B 104 19.82 11.07 -19.49
N VAL B 105 20.24 10.05 -18.74
CA VAL B 105 19.43 9.57 -17.61
C VAL B 105 19.46 10.57 -16.47
N VAL B 106 20.64 11.12 -16.21
CA VAL B 106 20.80 12.13 -15.16
C VAL B 106 19.87 13.33 -15.42
N ARG B 107 19.81 13.78 -16.68
CA ARG B 107 18.90 14.85 -17.09
C ARG B 107 17.45 14.50 -16.75
N GLU B 108 17.02 13.30 -17.13
CA GLU B 108 15.64 12.90 -16.85
C GLU B 108 15.42 12.79 -15.35
N PHE B 109 16.46 12.41 -14.63
CA PHE B 109 16.37 12.25 -13.18
C PHE B 109 16.21 13.60 -12.45
N VAL B 110 17.09 14.55 -12.74
CA VAL B 110 16.99 15.85 -12.09
C VAL B 110 15.71 16.61 -12.48
N ASP B 111 15.31 16.51 -13.74
CA ASP B 111 14.07 17.13 -14.23
C ASP B 111 12.86 16.60 -13.47
N ALA B 112 12.81 15.29 -13.27
CA ALA B 112 11.70 14.67 -12.54
C ALA B 112 11.73 15.06 -11.06
N CYS B 113 12.92 15.11 -10.47
CA CYS B 113 13.08 15.55 -9.08
C CYS B 113 12.48 16.93 -8.94
N GLU B 114 12.88 17.82 -9.84
CA GLU B 114 12.46 19.21 -9.81
C GLU B 114 10.94 19.35 -10.00
N GLU B 115 10.39 18.55 -10.90
CA GLU B 115 8.95 18.56 -11.14
C GLU B 115 8.18 18.13 -9.90
N TYR B 116 8.78 17.23 -9.12
CA TYR B 116 8.07 16.68 -7.97
C TYR B 116 8.49 17.35 -6.66
N GLY B 117 9.34 18.37 -6.76
CA GLY B 117 9.80 19.05 -5.57
C GLY B 117 10.62 18.13 -4.67
N LEU B 118 11.48 17.33 -5.29
CA LEU B 118 12.37 16.46 -4.54
C LEU B 118 13.82 16.91 -4.70
N LYS B 119 14.62 16.72 -3.65
CA LYS B 119 16.03 17.09 -3.68
C LYS B 119 16.85 16.02 -4.38
N ALA B 120 17.59 16.44 -5.41
CA ALA B 120 18.38 15.52 -6.22
C ALA B 120 19.80 15.38 -5.69
N GLY B 121 20.31 14.15 -5.67
CA GLY B 121 21.69 13.91 -5.28
C GLY B 121 22.43 13.04 -6.26
N ILE B 122 23.76 13.07 -6.19
CA ILE B 122 24.60 12.36 -7.13
C ILE B 122 25.63 11.43 -6.45
N TYR B 123 25.55 10.14 -6.78
CA TYR B 123 26.62 9.18 -6.50
C TYR B 123 27.56 9.11 -7.71
N LEU B 124 28.82 9.45 -7.51
CA LEU B 124 29.81 9.39 -8.60
C LEU B 124 31.04 8.63 -8.13
N GLY B 125 31.16 7.40 -8.59
CA GLY B 125 32.17 6.47 -8.10
C GLY B 125 33.61 6.94 -8.18
N PRO B 126 34.27 7.09 -7.01
CA PRO B 126 35.71 7.38 -6.96
C PRO B 126 36.57 6.28 -7.59
N HIS B 127 36.43 5.04 -7.14
CA HIS B 127 37.14 3.93 -7.79
C HIS B 127 36.44 3.62 -9.11
N ASP B 128 37.20 3.58 -10.21
CA ASP B 128 36.64 3.40 -11.56
C ASP B 128 37.40 2.28 -12.27
N ARG B 129 36.79 1.10 -12.33
CA ARG B 129 37.43 -0.06 -12.94
C ARG B 129 37.68 0.11 -14.44
N HIS B 130 36.81 0.86 -15.11
CA HIS B 130 36.97 1.02 -16.55
C HIS B 130 38.20 1.87 -16.86
N GLU B 131 38.36 2.97 -16.14
CA GLU B 131 39.53 3.82 -16.34
C GLU B 131 40.83 3.10 -15.99
N HIS B 132 40.75 2.16 -15.06
CA HIS B 132 41.93 1.36 -14.73
C HIS B 132 42.36 0.47 -15.89
N LEU B 133 41.44 0.14 -16.80
CA LEU B 133 41.77 -0.69 -17.96
C LEU B 133 42.70 0.03 -18.93
N SER B 134 42.67 1.36 -18.92
CA SER B 134 43.53 2.12 -19.82
C SER B 134 45.01 1.92 -19.51
N PRO B 135 45.83 1.73 -20.56
CA PRO B 135 47.28 1.64 -20.37
C PRO B 135 47.89 2.96 -19.93
N LEU B 136 47.13 4.04 -20.08
CA LEU B 136 47.61 5.37 -19.69
C LEU B 136 47.07 5.82 -18.32
N TYR B 137 46.43 4.92 -17.58
CA TYR B 137 45.91 5.28 -16.25
C TYR B 137 47.01 5.68 -15.28
N THR B 138 46.84 6.84 -14.67
CA THR B 138 47.57 7.21 -13.47
C THR B 138 46.58 7.89 -12.53
N THR B 139 46.90 7.87 -11.23
CA THR B 139 46.04 8.50 -10.25
C THR B 139 45.88 9.99 -10.52
N GLU B 140 46.96 10.64 -10.94
CA GLU B 140 46.94 12.07 -11.25
C GLU B 140 46.04 12.38 -12.45
N ARG B 141 46.17 11.57 -13.50
CA ARG B 141 45.30 11.71 -14.68
C ARG B 141 43.84 11.44 -14.31
N TYR B 142 43.59 10.37 -13.56
CA TYR B 142 42.23 10.04 -13.15
C TYR B 142 41.63 11.17 -12.30
N LYS B 143 42.49 11.84 -11.54
CA LYS B 143 42.04 12.96 -10.71
C LYS B 143 41.44 14.09 -11.55
N GLU B 144 42.10 14.44 -12.66
CA GLU B 144 41.59 15.45 -13.58
C GLU B 144 40.35 14.98 -14.33
N TYR B 145 40.33 13.71 -14.71
CA TYR B 145 39.14 13.13 -15.37
C TYR B 145 37.91 13.25 -14.48
N TYR B 146 38.01 12.77 -13.25
CA TYR B 146 36.90 12.80 -12.31
C TYR B 146 36.47 14.25 -12.04
N ALA B 147 37.46 15.13 -11.89
CA ALA B 147 37.19 16.55 -11.66
C ALA B 147 36.32 17.15 -12.76
N HIS B 148 36.64 16.81 -14.00
CA HIS B 148 35.89 17.30 -15.15
C HIS B 148 34.46 16.79 -15.14
N GLN B 149 34.29 15.51 -14.86
CA GLN B 149 32.96 14.91 -14.78
C GLN B 149 32.18 15.55 -13.64
N LEU B 150 32.84 15.74 -12.51
CA LEU B 150 32.21 16.39 -11.37
C LEU B 150 31.80 17.82 -11.74
N GLY B 151 32.67 18.52 -12.47
CA GLY B 151 32.32 19.84 -12.96
C GLY B 151 31.04 19.87 -13.78
N GLU B 152 30.84 18.86 -14.63
CA GLU B 152 29.65 18.78 -15.47
C GLU B 152 28.40 18.59 -14.62
N LEU B 153 28.44 17.60 -13.73
CA LEU B 153 27.30 17.24 -12.91
C LEU B 153 27.00 18.33 -11.89
N MET B 154 28.03 19.06 -11.47
CA MET B 154 27.83 20.13 -10.49
C MET B 154 27.45 21.47 -11.13
N SER B 155 27.56 21.57 -12.46
CA SER B 155 27.23 22.82 -13.16
C SER B 155 25.97 22.75 -14.02
N ASP B 156 25.75 21.62 -14.70
CA ASP B 156 24.74 21.57 -15.76
C ASP B 156 23.45 20.85 -15.40
N TYR B 157 23.30 20.48 -14.14
CA TYR B 157 22.14 19.65 -13.78
C TYR B 157 21.33 20.21 -12.62
N GLY B 158 21.48 21.50 -12.36
CA GLY B 158 20.65 22.18 -11.38
C GLY B 158 21.22 22.03 -10.00
N LYS B 159 20.40 22.27 -8.99
CA LYS B 159 20.86 22.22 -7.60
C LYS B 159 21.07 20.79 -7.12
N ILE B 160 22.26 20.53 -6.58
CA ILE B 160 22.60 19.21 -6.07
C ILE B 160 22.71 19.22 -4.56
N TRP B 161 21.92 18.35 -3.91
CA TRP B 161 21.82 18.36 -2.45
C TRP B 161 22.69 17.33 -1.74
N GLU B 162 23.20 16.36 -2.51
CA GLU B 162 24.15 15.41 -1.97
C GLU B 162 25.10 14.88 -3.04
N THR B 163 26.35 14.67 -2.64
CA THR B 163 27.36 14.02 -3.46
C THR B 163 27.88 12.83 -2.63
N TRP B 164 27.86 11.63 -3.22
CA TRP B 164 28.16 10.43 -2.47
C TRP B 164 29.48 9.82 -2.90
N TRP B 165 30.41 9.69 -1.95
CA TRP B 165 31.71 9.12 -2.24
C TRP B 165 31.89 7.73 -1.60
N ASP B 166 31.61 6.70 -2.38
CA ASP B 166 31.78 5.32 -1.95
C ASP B 166 33.28 5.05 -1.73
N GLY B 167 33.63 4.43 -0.60
CA GLY B 167 35.03 4.12 -0.33
C GLY B 167 35.54 2.79 -0.87
N ALA B 168 34.62 1.96 -1.36
CA ALA B 168 34.99 0.67 -1.90
C ALA B 168 36.03 0.80 -3.02
N GLY B 169 37.18 0.16 -2.83
CA GLY B 169 38.25 0.22 -3.82
C GLY B 169 38.93 1.57 -3.94
N ALA B 170 38.68 2.48 -2.99
CA ALA B 170 39.20 3.85 -3.10
C ALA B 170 40.46 4.11 -2.27
N ASP B 171 41.05 3.05 -1.70
CA ASP B 171 42.20 3.22 -0.81
C ASP B 171 43.42 3.94 -1.42
N GLU B 172 43.63 3.79 -2.73
CA GLU B 172 44.76 4.45 -3.38
C GLU B 172 44.51 5.93 -3.63
N LEU B 173 43.26 6.36 -3.46
CA LEU B 173 42.95 7.78 -3.60
C LEU B 173 43.35 8.47 -2.32
N THR B 174 44.11 9.56 -2.46
CA THR B 174 44.66 10.27 -1.31
C THR B 174 43.91 11.56 -1.06
N THR B 175 44.05 12.07 0.16
CA THR B 175 43.37 13.29 0.59
C THR B 175 43.49 14.46 -0.40
N PRO B 176 44.70 14.73 -0.94
CA PRO B 176 44.77 15.85 -1.89
C PRO B 176 43.88 15.66 -3.13
N VAL B 177 43.72 14.42 -3.59
CA VAL B 177 42.78 14.15 -4.69
C VAL B 177 41.35 14.57 -4.33
N TYR B 178 40.88 14.14 -3.18
CA TYR B 178 39.55 14.52 -2.71
C TYR B 178 39.41 16.04 -2.48
N ARG B 179 40.49 16.69 -2.05
CA ARG B 179 40.47 18.15 -1.83
C ARG B 179 40.11 18.88 -3.11
N HIS B 180 40.79 18.51 -4.20
CA HIS B 180 40.50 19.02 -5.53
C HIS B 180 39.02 18.86 -5.83
N TRP B 181 38.51 17.63 -5.71
CA TRP B 181 37.10 17.36 -5.96
C TRP B 181 36.21 18.18 -5.03
N TYR B 182 36.59 18.22 -3.76
CA TYR B 182 35.81 18.92 -2.74
C TYR B 182 35.59 20.39 -3.09
N LYS B 183 36.64 21.09 -3.50
CA LYS B 183 36.51 22.52 -3.85
C LYS B 183 35.49 22.72 -4.95
N ILE B 184 35.50 21.83 -5.95
CA ILE B 184 34.53 21.89 -7.04
C ILE B 184 33.10 21.74 -6.53
N VAL B 185 32.86 20.76 -5.66
CA VAL B 185 31.53 20.58 -5.08
C VAL B 185 31.11 21.82 -4.27
N ARG B 186 32.00 22.26 -3.39
CA ARG B 186 31.68 23.32 -2.42
C ARG B 186 31.46 24.67 -3.11
N GLU B 187 32.27 24.95 -4.12
CA GLU B 187 32.13 26.22 -4.85
C GLU B 187 30.86 26.24 -5.71
N LYS B 188 30.56 25.14 -6.38
CA LYS B 188 29.42 25.12 -7.30
C LYS B 188 28.10 24.78 -6.62
N GLN B 189 28.18 24.04 -5.51
CA GLN B 189 26.97 23.59 -4.82
C GLN B 189 27.14 23.73 -3.31
N PRO B 190 26.99 24.98 -2.80
CA PRO B 190 27.27 25.25 -1.39
C PRO B 190 26.33 24.55 -0.40
N ASP B 191 25.14 24.14 -0.85
CA ASP B 191 24.24 23.39 0.03
C ASP B 191 24.41 21.86 -0.05
N CYS B 192 25.35 21.40 -0.87
CA CYS B 192 25.51 19.96 -1.12
C CYS B 192 26.14 19.23 0.07
N VAL B 193 25.42 18.25 0.59
CA VAL B 193 25.96 17.40 1.66
C VAL B 193 26.91 16.38 1.05
N ILE B 194 28.10 16.23 1.65
CA ILE B 194 29.03 15.23 1.15
C ILE B 194 29.10 13.99 2.04
N PHE B 195 28.68 12.85 1.50
CA PHE B 195 28.95 11.57 2.14
C PHE B 195 30.40 11.22 1.87
N GLY B 196 31.24 11.29 2.91
CA GLY B 196 32.66 11.10 2.69
C GLY B 196 33.25 9.90 3.41
N THR B 197 34.10 9.16 2.70
CA THR B 197 34.69 7.95 3.27
C THR B 197 36.21 8.00 3.18
N LYS B 198 36.85 7.19 4.01
CA LYS B 198 38.31 7.00 3.96
C LYS B 198 39.08 8.30 3.82
N ASN B 199 39.95 8.41 2.83
CA ASN B 199 40.82 9.58 2.71
C ASN B 199 40.10 10.88 2.37
N SER B 200 38.78 10.82 2.20
CA SER B 200 38.01 12.05 2.04
C SER B 200 37.60 12.65 3.38
N TYR B 201 37.99 12.00 4.47
CA TYR B 201 37.54 12.35 5.84
C TYR B 201 37.48 13.84 6.23
N PRO B 202 38.46 14.67 5.81
CA PRO B 202 38.29 16.06 6.26
C PRO B 202 37.21 16.86 5.53
N PHE B 203 36.58 16.27 4.51
CA PHE B 203 35.58 17.00 3.72
C PHE B 203 34.15 16.46 3.90
N ALA B 204 34.02 15.39 4.68
CA ALA B 204 32.73 14.71 4.88
C ALA B 204 31.78 15.50 5.78
N ASP B 205 30.55 15.74 5.31
CA ASP B 205 29.51 16.28 6.17
C ASP B 205 28.83 15.16 6.94
N VAL B 206 28.72 13.99 6.29
CA VAL B 206 28.12 12.81 6.92
C VAL B 206 29.03 11.61 6.72
N ARG B 207 28.91 10.62 7.60
CA ARG B 207 29.81 9.47 7.60
C ARG B 207 29.04 8.17 7.35
N TRP B 208 29.78 7.11 7.03
CA TRP B 208 29.22 5.78 6.99
C TRP B 208 29.14 5.24 8.43
N MET B 209 28.26 4.27 8.66
CA MET B 209 28.09 3.75 10.01
C MET B 209 28.49 2.28 10.14
N GLY B 210 29.28 1.81 9.18
CA GLY B 210 30.00 0.56 9.33
C GLY B 210 29.37 -0.72 8.81
N ASN B 211 28.08 -0.67 8.44
CA ASN B 211 27.43 -1.84 7.88
C ASN B 211 26.37 -1.49 6.84
N GLU B 212 25.91 -2.50 6.10
CA GLU B 212 24.88 -2.30 5.10
C GLU B 212 23.60 -3.03 5.48
N ALA B 213 23.39 -3.22 6.77
CA ALA B 213 22.22 -3.95 7.26
C ALA B 213 21.13 -3.00 7.72
N GLY B 214 21.43 -1.70 7.67
CA GLY B 214 20.46 -0.69 8.09
C GLY B 214 20.43 -0.49 9.60
N GLU B 215 21.54 -0.81 10.27
CA GLU B 215 21.56 -0.72 11.73
C GLU B 215 22.68 0.18 12.25
N ALA B 216 22.36 1.43 12.56
CA ALA B 216 23.29 2.32 13.24
C ALA B 216 23.45 1.85 14.68
N GLY B 217 24.43 2.41 15.38
CA GLY B 217 24.69 2.01 16.76
C GLY B 217 23.66 2.45 17.79
N ASP B 218 23.61 1.70 18.89
CA ASP B 218 22.87 2.10 20.08
C ASP B 218 23.91 2.11 21.19
N PRO B 219 24.42 3.28 21.56
CA PRO B 219 24.08 4.63 21.08
C PRO B 219 24.67 4.96 19.70
N CYS B 220 24.21 6.06 19.10
CA CYS B 220 24.83 6.56 17.88
C CYS B 220 25.00 8.07 18.00
N TRP B 221 26.23 8.49 18.31
CA TRP B 221 26.53 9.91 18.49
C TRP B 221 26.74 10.53 17.12
N ALA B 222 26.34 11.79 16.96
CA ALA B 222 26.59 12.50 15.72
C ALA B 222 28.08 12.81 15.61
N THR B 223 28.77 12.78 16.75
CA THR B 223 30.19 13.08 16.81
C THR B 223 31.02 11.80 16.73
N THR B 224 32.21 11.93 16.15
CA THR B 224 33.20 10.86 16.15
C THR B 224 34.57 11.45 15.83
N ASP B 225 35.63 10.64 15.93
CA ASP B 225 36.94 11.10 15.47
C ASP B 225 37.06 10.92 13.97
N SER B 226 37.56 11.93 13.29
CA SER B 226 37.68 11.89 11.83
C SER B 226 38.62 10.78 11.35
N VAL B 227 39.54 10.34 12.22
CA VAL B 227 40.42 9.23 11.88
C VAL B 227 39.64 7.91 11.76
N ALA B 228 38.50 7.82 12.43
CA ALA B 228 37.63 6.65 12.31
C ALA B 228 37.10 6.52 10.88
N ILE B 229 36.85 7.65 10.22
CA ILE B 229 36.44 7.63 8.82
C ILE B 229 37.62 7.16 7.97
N ARG B 230 38.81 7.68 8.26
CA ARG B 230 39.98 7.33 7.45
C ARG B 230 40.31 5.85 7.57
N ASP B 231 40.42 5.37 8.81
CA ASP B 231 40.87 4.01 9.08
C ASP B 231 39.66 3.10 9.33
N GLU B 232 38.73 3.18 8.40
CA GLU B 232 37.47 2.44 8.41
C GLU B 232 37.47 1.03 9.03
N ALA B 233 38.36 0.16 8.56
CA ALA B 233 38.32 -1.25 8.98
C ALA B 233 38.79 -1.48 10.41
N GLN B 234 39.45 -0.48 10.99
CA GLN B 234 39.93 -0.59 12.35
C GLN B 234 39.07 0.21 13.32
N TYR B 235 37.99 0.80 12.82
CA TYR B 235 37.12 1.64 13.66
C TYR B 235 35.62 1.41 13.50
N TYR B 236 35.20 0.16 13.40
CA TYR B 236 33.77 -0.14 13.32
C TYR B 236 32.94 0.64 14.35
N LYS B 237 33.35 0.61 15.60
CA LYS B 237 32.59 1.23 16.69
C LYS B 237 32.52 2.74 16.52
N GLY B 238 33.66 3.35 16.16
CA GLY B 238 33.73 4.78 15.98
C GLY B 238 32.84 5.27 14.84
N LEU B 239 32.59 4.40 13.87
CA LEU B 239 31.66 4.74 12.80
C LEU B 239 30.22 4.43 13.20
N ASN B 240 29.99 3.22 13.70
CA ASN B 240 28.66 2.75 14.04
C ASN B 240 28.04 3.45 15.25
N GLU B 241 28.83 3.62 16.32
CA GLU B 241 28.34 4.30 17.51
C GLU B 241 28.77 5.75 17.57
N GLY B 242 29.89 6.08 16.95
CA GLY B 242 30.47 7.39 17.12
C GLY B 242 31.15 7.51 18.47
N MET B 243 31.49 8.73 18.86
CA MET B 243 32.16 8.96 20.14
C MET B 243 31.64 10.24 20.75
N LEU B 244 31.22 10.17 22.01
CA LEU B 244 30.79 11.38 22.72
C LEU B 244 31.88 12.45 22.73
N ASP B 245 33.11 12.03 22.99
CA ASP B 245 34.27 12.93 22.95
C ASP B 245 34.92 13.00 21.57
N GLY B 246 34.14 12.73 20.52
CA GLY B 246 34.66 12.77 19.15
C GLY B 246 35.10 14.14 18.69
N ASP B 247 36.22 14.22 17.96
CA ASP B 247 36.79 15.51 17.60
C ASP B 247 36.07 16.19 16.44
N ALA B 248 35.09 15.52 15.84
CA ALA B 248 34.33 16.11 14.73
C ALA B 248 32.84 15.80 14.80
N TYR B 249 32.04 16.73 14.28
CA TYR B 249 30.61 16.50 14.13
C TYR B 249 30.32 16.02 12.71
N ILE B 250 30.16 14.71 12.56
CA ILE B 250 29.89 14.12 11.25
C ILE B 250 28.87 12.98 11.44
N PRO B 251 27.57 13.30 11.41
CA PRO B 251 26.55 12.29 11.74
C PRO B 251 26.50 11.10 10.77
N ALA B 252 25.99 9.98 11.25
CA ALA B 252 26.01 8.76 10.46
C ALA B 252 24.85 8.70 9.46
N GLU B 253 25.13 8.28 8.23
CA GLU B 253 24.07 8.01 7.28
C GLU B 253 23.97 6.50 7.10
N THR B 254 22.76 5.99 7.27
CA THR B 254 22.55 4.54 7.23
C THR B 254 22.03 4.11 5.87
N ASP B 255 22.83 3.35 5.12
CA ASP B 255 22.44 2.91 3.78
C ASP B 255 22.05 1.44 3.75
N VAL B 256 20.96 1.14 3.05
CA VAL B 256 20.45 -0.22 3.00
C VAL B 256 19.62 -0.38 1.74
N SER B 257 19.57 -1.60 1.21
CA SER B 257 18.75 -1.83 0.02
C SER B 257 17.42 -2.45 0.38
N ILE B 258 16.37 -2.14 -0.39
CA ILE B 258 15.07 -2.75 -0.15
C ILE B 258 15.10 -4.23 -0.60
N ARG B 259 16.14 -4.58 -1.36
CA ARG B 259 16.35 -5.96 -1.80
C ARG B 259 17.68 -6.49 -1.25
N PRO B 260 17.96 -7.78 -1.44
CA PRO B 260 19.29 -8.23 -0.98
C PRO B 260 20.45 -7.59 -1.75
N SER B 261 20.30 -7.34 -3.05
CA SER B 261 21.36 -6.67 -3.83
C SER B 261 21.07 -5.18 -3.98
N TRP B 262 22.07 -4.44 -4.44
CA TRP B 262 21.90 -3.03 -4.72
C TRP B 262 21.28 -2.80 -6.09
N PHE B 263 21.70 -3.60 -7.08
CA PHE B 263 21.14 -3.51 -8.42
C PHE B 263 19.93 -4.43 -8.59
N TYR B 264 19.12 -4.18 -9.61
CA TYR B 264 17.88 -4.94 -9.76
C TYR B 264 18.14 -6.33 -10.34
N HIS B 265 17.51 -7.35 -9.75
CA HIS B 265 17.48 -8.69 -10.35
C HIS B 265 16.09 -9.31 -10.11
N ALA B 266 15.50 -9.89 -11.16
CA ALA B 266 14.14 -10.43 -11.07
C ALA B 266 14.04 -11.55 -10.04
N GLU B 267 15.13 -12.29 -9.88
CA GLU B 267 15.21 -13.37 -8.90
C GLU B 267 14.91 -12.87 -7.49
N GLU B 268 15.14 -11.57 -7.25
CA GLU B 268 14.92 -10.99 -5.93
C GLU B 268 13.54 -10.35 -5.73
N ASP B 269 12.65 -10.48 -6.72
CA ASP B 269 11.28 -9.96 -6.59
C ASP B 269 10.59 -10.57 -5.38
N SER B 270 10.96 -11.80 -5.06
CA SER B 270 10.40 -12.48 -3.89
C SER B 270 11.15 -12.16 -2.59
N ARG B 271 12.20 -11.34 -2.67
CA ARG B 271 13.00 -11.02 -1.46
C ARG B 271 12.98 -9.53 -1.10
N VAL B 272 11.99 -8.81 -1.60
CA VAL B 272 11.83 -7.41 -1.24
C VAL B 272 11.47 -7.38 0.24
N LYS B 273 12.11 -6.48 1.00
CA LYS B 273 11.90 -6.43 2.45
C LYS B 273 10.43 -6.13 2.79
N SER B 274 9.91 -6.81 3.80
CA SER B 274 8.50 -6.64 4.16
C SER B 274 8.35 -5.31 4.87
N VAL B 275 7.11 -4.86 5.01
CA VAL B 275 6.80 -3.62 5.70
C VAL B 275 7.34 -3.65 7.14
N ARG B 276 7.24 -4.81 7.80
CA ARG B 276 7.76 -4.96 9.16
C ARG B 276 9.29 -4.81 9.24
N GLU B 277 10.01 -5.40 8.28
CA GLU B 277 11.46 -5.27 8.26
C GLU B 277 11.86 -3.83 8.03
N LEU B 278 11.11 -3.13 7.17
CA LEU B 278 11.39 -1.74 6.87
C LEU B 278 11.15 -0.89 8.11
N TRP B 279 10.11 -1.22 8.86
CA TRP B 279 9.82 -0.52 10.11
C TRP B 279 10.95 -0.74 11.13
N ASP B 280 11.47 -1.96 11.20
CA ASP B 280 12.61 -2.24 12.07
C ASP B 280 13.78 -1.37 11.66
N ILE B 281 14.09 -1.38 10.38
CA ILE B 281 15.22 -0.65 9.84
C ILE B 281 15.05 0.86 10.06
N TYR B 282 13.83 1.37 9.87
CA TYR B 282 13.53 2.76 10.15
C TYR B 282 13.90 3.05 11.61
N CYS B 283 13.47 2.14 12.49
CA CYS B 283 13.69 2.32 13.92
C CYS B 283 15.16 2.21 14.31
N THR B 284 15.95 1.48 13.51
CA THR B 284 17.39 1.37 13.78
C THR B 284 18.25 2.31 12.93
N SER B 285 17.60 3.30 12.33
CA SER B 285 18.30 4.33 11.57
C SER B 285 17.76 5.71 11.95
N VAL B 286 16.61 6.07 11.36
CA VAL B 286 15.94 7.32 11.72
C VAL B 286 15.76 7.39 13.23
N GLY B 287 15.33 6.27 13.82
CA GLY B 287 15.10 6.20 15.27
C GLY B 287 16.36 5.92 16.09
N ARG B 288 17.53 6.02 15.45
CA ARG B 288 18.79 5.95 16.17
C ARG B 288 19.70 7.12 15.79
N ASN B 289 19.12 8.31 15.74
CA ASN B 289 19.90 9.53 15.49
C ASN B 289 20.68 9.47 14.18
N SER B 290 20.07 8.84 13.17
CA SER B 290 20.70 8.79 11.85
C SER B 290 19.69 9.20 10.79
N VAL B 291 20.02 8.91 9.54
CA VAL B 291 19.15 9.14 8.40
C VAL B 291 19.18 7.88 7.56
N LEU B 292 18.02 7.44 7.08
CA LEU B 292 17.97 6.20 6.31
C LEU B 292 18.05 6.47 4.80
N LEU B 293 19.09 5.94 4.17
CA LEU B 293 19.22 5.98 2.72
C LEU B 293 18.77 4.62 2.17
N LEU B 294 17.55 4.58 1.63
CA LEU B 294 16.95 3.32 1.22
C LEU B 294 16.95 3.14 -0.31
N ASN B 295 17.56 2.07 -0.78
CA ASN B 295 17.73 1.86 -2.22
C ASN B 295 16.55 1.16 -2.90
N PHE B 296 16.10 1.73 -4.03
CA PHE B 296 15.15 1.06 -4.93
C PHE B 296 15.87 0.93 -6.26
N PRO B 297 16.17 -0.31 -6.69
CA PRO B 297 16.84 -0.46 -7.98
C PRO B 297 15.85 -0.50 -9.16
N PRO B 298 15.93 0.47 -10.07
CA PRO B 298 15.09 0.39 -11.28
C PRO B 298 15.47 -0.85 -12.11
N ASP B 299 14.49 -1.45 -12.78
CA ASP B 299 14.72 -2.67 -13.55
C ASP B 299 15.14 -2.36 -14.97
N ARG B 300 15.06 -3.37 -15.84
CA ARG B 300 15.47 -3.24 -17.24
C ARG B 300 14.52 -2.42 -18.09
N ARG B 301 13.35 -2.10 -17.55
CA ARG B 301 12.47 -1.13 -18.20
C ARG B 301 12.87 0.27 -17.75
N GLY B 302 13.65 0.36 -16.68
CA GLY B 302 13.96 1.64 -16.09
C GLY B 302 12.82 2.09 -15.19
N LEU B 303 12.20 1.11 -14.52
CA LEU B 303 11.06 1.40 -13.63
C LEU B 303 11.23 0.73 -12.26
N ILE B 304 10.57 1.28 -11.25
CA ILE B 304 10.57 0.65 -9.92
C ILE B 304 9.47 -0.43 -9.88
N HIS B 305 9.87 -1.66 -9.54
CA HIS B 305 8.93 -2.79 -9.38
C HIS B 305 7.82 -2.45 -8.38
N SER B 306 6.58 -2.86 -8.67
CA SER B 306 5.45 -2.45 -7.83
C SER B 306 5.52 -2.92 -6.38
N THR B 307 6.15 -4.07 -6.13
CA THR B 307 6.27 -4.56 -4.76
C THR B 307 7.15 -3.62 -3.93
N ASP B 308 8.27 -3.18 -4.50
CA ASP B 308 9.15 -2.21 -3.85
C ASP B 308 8.35 -0.94 -3.50
N SER B 309 7.62 -0.43 -4.48
CA SER B 309 6.83 0.79 -4.31
C SER B 309 5.79 0.60 -3.20
N LEU B 310 5.09 -0.53 -3.27
CA LEU B 310 4.00 -0.78 -2.36
C LEU B 310 4.48 -0.83 -0.92
N HIS B 311 5.56 -1.57 -0.67
CA HIS B 311 6.03 -1.75 0.70
C HIS B 311 6.48 -0.44 1.29
N ALA B 312 7.12 0.40 0.49
CA ALA B 312 7.58 1.69 0.99
C ALA B 312 6.41 2.59 1.31
N ALA B 313 5.35 2.50 0.50
CA ALA B 313 4.16 3.31 0.73
C ALA B 313 3.45 2.83 1.99
N LEU B 314 3.41 1.52 2.22
CA LEU B 314 2.78 1.00 3.43
C LEU B 314 3.59 1.36 4.69
N LEU B 315 4.91 1.38 4.56
CA LEU B 315 5.79 1.87 5.64
C LEU B 315 5.36 3.28 6.05
N LYS B 316 5.29 4.16 5.06
CA LYS B 316 4.88 5.55 5.25
C LYS B 316 3.53 5.63 5.92
N GLN B 317 2.62 4.77 5.52
CA GLN B 317 1.28 4.80 6.09
C GLN B 317 1.26 4.36 7.55
N GLY B 318 2.03 3.33 7.88
CA GLY B 318 2.13 2.86 9.26
C GLY B 318 2.82 3.88 10.15
N ILE B 319 3.81 4.58 9.60
CA ILE B 319 4.48 5.62 10.35
C ILE B 319 3.54 6.77 10.69
N ASP B 320 2.78 7.24 9.71
CA ASP B 320 1.78 8.30 9.94
C ASP B 320 0.74 7.91 10.98
N GLU B 321 0.25 6.67 10.91
CA GLU B 321 -0.75 6.20 11.87
C GLU B 321 -0.18 6.16 13.26
N THR B 322 1.03 5.62 13.37
CA THR B 322 1.69 5.41 14.65
C THR B 322 1.86 6.74 15.36
N PHE B 323 2.36 7.73 14.62
CA PHE B 323 2.76 8.99 15.21
C PHE B 323 1.73 10.10 15.05
N SER B 324 0.51 9.75 14.64
CA SER B 324 -0.52 10.76 14.43
C SER B 324 -1.04 11.32 15.77
N THR B 325 -1.01 10.49 16.81
CA THR B 325 -1.49 10.93 18.12
C THR B 325 -0.49 10.67 19.26
N ASN B 326 0.15 11.73 19.74
CA ASN B 326 0.94 11.62 20.96
C ASN B 326 -0.01 11.42 22.14
N LEU B 327 0.02 10.23 22.75
CA LEU B 327 -0.94 9.88 23.79
C LEU B 327 -0.68 10.60 25.12
N LEU B 328 0.39 11.37 25.18
CA LEU B 328 0.68 12.15 26.37
C LEU B 328 -0.08 13.48 26.37
N ARG B 329 -0.59 13.88 25.21
CA ARG B 329 -1.28 15.17 25.12
C ARG B 329 -2.54 15.22 26.03
N GLY B 330 -2.77 16.36 26.65
CA GLY B 330 -3.82 16.44 27.66
C GLY B 330 -3.33 16.02 29.03
N ALA B 331 -2.02 15.82 29.18
CA ALA B 331 -1.47 15.47 30.49
C ALA B 331 -1.30 16.69 31.37
N LYS B 332 -1.40 16.48 32.68
CA LYS B 332 -0.89 17.44 33.63
C LYS B 332 0.61 17.16 33.69
N VAL B 333 1.42 18.20 33.59
CA VAL B 333 2.87 18.01 33.51
C VAL B 333 3.63 18.68 34.67
N LYS B 334 4.30 17.85 35.48
CA LYS B 334 5.14 18.35 36.56
C LYS B 334 6.61 17.98 36.31
N ALA B 335 7.53 18.90 36.56
CA ALA B 335 8.95 18.63 36.34
C ALA B 335 9.89 19.33 37.32
N THR B 336 10.98 18.67 37.69
CA THR B 336 12.08 19.33 38.37
C THR B 336 13.00 19.90 37.30
N ASN B 337 13.87 20.83 37.70
CA ASN B 337 14.83 21.42 36.78
C ASN B 337 14.18 22.03 35.54
N VAL B 338 13.47 23.13 35.74
CA VAL B 338 12.79 23.83 34.64
C VAL B 338 13.33 25.25 34.52
N ARG B 339 13.83 25.58 33.33
CA ARG B 339 14.51 26.85 33.11
C ARG B 339 13.59 28.05 33.28
N GLY B 340 12.38 27.94 32.70
CA GLY B 340 11.42 29.02 32.73
C GLY B 340 10.16 28.54 32.03
N ALA B 341 9.14 29.40 32.00
CA ALA B 341 7.85 29.06 31.37
C ALA B 341 8.02 28.83 29.88
N LYS B 342 8.84 29.68 29.28
CA LYS B 342 9.24 29.60 27.87
C LYS B 342 9.83 28.22 27.54
N TYR B 343 10.37 27.55 28.56
CA TYR B 343 11.03 26.25 28.41
C TYR B 343 10.30 25.17 29.21
N SER B 344 9.00 25.35 29.42
CA SER B 344 8.25 24.43 30.27
C SER B 344 8.21 23.03 29.66
N PRO B 345 8.14 22.00 30.51
CA PRO B 345 8.11 20.62 30.01
C PRO B 345 6.95 20.35 29.05
N GLU B 346 5.92 21.19 29.09
CA GLU B 346 4.77 21.06 28.19
C GLU B 346 5.17 21.33 26.73
N LYS B 347 6.27 22.05 26.53
CA LYS B 347 6.75 22.34 25.17
C LYS B 347 7.12 21.05 24.42
N MET B 348 7.42 19.98 25.16
CA MET B 348 7.71 18.69 24.55
C MET B 348 6.46 18.11 23.86
N LEU B 349 5.28 18.63 24.21
CA LEU B 349 4.00 18.08 23.77
C LEU B 349 3.20 18.95 22.80
N ASP B 350 3.74 20.11 22.43
CA ASP B 350 2.95 21.12 21.73
C ASP B 350 2.97 21.10 20.20
N ASN B 351 3.67 20.13 19.59
CA ASN B 351 3.82 20.06 18.13
C ASN B 351 4.51 21.26 17.50
N GLU B 352 4.92 22.23 18.30
CA GLU B 352 5.55 23.43 17.78
C GLU B 352 6.92 23.12 17.22
N LYS B 353 7.22 23.66 16.04
CA LYS B 353 8.47 23.39 15.36
C LYS B 353 9.67 23.85 16.17
N ASN B 354 9.54 24.98 16.86
CA ASN B 354 10.68 25.60 17.53
C ASN B 354 10.50 25.91 19.01
N THR B 355 9.78 25.07 19.74
CA THR B 355 9.75 25.18 21.20
C THR B 355 10.40 23.95 21.80
N TYR B 356 10.84 24.05 23.05
CA TYR B 356 11.41 22.91 23.74
C TYR B 356 11.45 23.09 25.25
N PHE B 357 11.54 21.97 25.95
CA PHE B 357 11.80 21.97 27.37
C PHE B 357 13.30 22.17 27.57
N ALA B 358 13.66 22.87 28.64
CA ALA B 358 15.06 23.10 28.96
C ALA B 358 15.28 23.16 30.47
N GLY B 359 16.42 22.66 30.92
CA GLY B 359 16.80 22.73 32.33
C GLY B 359 17.61 23.98 32.62
N LYS B 360 18.02 24.14 33.88
CA LYS B 360 18.82 25.30 34.31
C LYS B 360 20.31 25.07 34.06
N ASP B 361 21.05 26.16 33.83
CA ASP B 361 22.49 26.07 33.60
C ASP B 361 23.19 25.23 34.67
N GLY B 362 24.05 24.32 34.22
CA GLY B 362 24.83 23.50 35.12
C GLY B 362 24.08 22.38 35.82
N GLU B 363 22.81 22.19 35.44
CA GLU B 363 22.01 21.15 36.06
C GLU B 363 21.59 20.12 35.00
N VAL B 364 22.20 18.94 35.03
CA VAL B 364 22.10 18.00 33.92
C VAL B 364 21.01 16.93 34.09
N LYS B 365 20.44 16.85 35.30
CA LYS B 365 19.39 15.88 35.56
C LYS B 365 18.03 16.55 35.52
N ALA B 366 16.99 15.75 35.25
CA ALA B 366 15.60 16.25 35.32
C ALA B 366 14.62 15.11 35.47
N ASP B 367 13.52 15.37 36.18
CA ASP B 367 12.43 14.41 36.29
C ASP B 367 11.14 15.05 35.79
N ILE B 368 10.49 14.41 34.82
CA ILE B 368 9.24 14.94 34.27
C ILE B 368 8.13 13.89 34.40
N ILE B 369 7.02 14.29 35.03
CA ILE B 369 5.89 13.38 35.19
C ILE B 369 4.69 13.88 34.39
N PHE B 370 4.10 12.96 33.63
CA PHE B 370 2.91 13.25 32.85
C PHE B 370 1.77 12.46 33.46
N THR B 371 0.82 13.16 34.09
CA THR B 371 -0.36 12.49 34.62
C THR B 371 -1.51 12.59 33.60
N LEU B 372 -2.00 11.44 33.17
CA LEU B 372 -3.01 11.38 32.12
C LEU B 372 -4.43 11.36 32.70
N PRO B 373 -5.38 12.01 32.01
CA PRO B 373 -6.75 12.04 32.52
C PRO B 373 -7.38 10.65 32.51
N LYS B 374 -7.08 9.89 31.47
CA LYS B 374 -7.52 8.51 31.38
C LYS B 374 -6.31 7.62 31.17
N THR B 375 -6.34 6.39 31.66
CA THR B 375 -5.22 5.50 31.44
C THR B 375 -5.10 5.19 29.95
N ILE B 376 -3.87 5.10 29.44
CA ILE B 376 -3.67 4.85 28.02
C ILE B 376 -2.93 3.53 27.82
N GLU B 377 -2.92 3.06 26.58
CA GLU B 377 -2.10 1.91 26.24
C GLU B 377 -1.11 2.35 25.15
N PHE B 378 0.18 2.04 25.34
CA PHE B 378 1.17 2.36 24.30
C PHE B 378 2.24 1.26 24.16
N ASP B 379 2.87 1.19 22.99
CA ASP B 379 3.93 0.22 22.74
C ASP B 379 5.11 0.84 21.99
N CYS B 380 5.24 2.15 22.10
CA CYS B 380 6.22 2.90 21.34
C CYS B 380 6.43 4.27 21.98
N LEU B 381 7.66 4.75 21.96
CA LEU B 381 7.93 6.12 22.39
C LEU B 381 9.03 6.77 21.56
N MET B 382 9.05 8.09 21.53
CA MET B 382 10.03 8.83 20.75
C MET B 382 10.46 10.07 21.52
N ILE B 383 11.72 10.46 21.34
CA ILE B 383 12.25 11.65 22.02
C ILE B 383 13.22 12.35 21.08
N GLU B 384 13.16 13.68 21.05
CA GLU B 384 14.01 14.47 20.16
C GLU B 384 14.68 15.61 20.93
N GLU B 385 15.98 15.76 20.70
CA GLU B 385 16.78 16.77 21.38
C GLU B 385 16.93 17.97 20.45
N VAL B 386 17.28 19.13 21.00
CA VAL B 386 17.57 20.30 20.18
C VAL B 386 19.01 20.19 19.69
N ILE B 387 19.21 19.62 18.50
CA ILE B 387 20.55 19.25 18.04
C ILE B 387 21.49 20.43 17.81
N GLU B 388 20.94 21.60 17.51
CA GLU B 388 21.74 22.82 17.34
C GLU B 388 22.54 23.14 18.61
N LEU B 389 22.04 22.68 19.75
CA LEU B 389 22.70 22.89 21.03
C LEU B 389 23.63 21.73 21.41
N GLY B 390 23.80 20.77 20.49
CA GLY B 390 24.76 19.69 20.69
C GLY B 390 24.19 18.49 21.42
N HIS B 391 24.98 17.43 21.57
CA HIS B 391 24.60 16.33 22.44
C HIS B 391 24.71 16.76 23.89
N ARG B 392 23.58 16.81 24.59
CA ARG B 392 23.56 17.33 25.96
C ARG B 392 23.25 16.22 26.96
N THR B 393 22.14 15.51 26.74
CA THR B 393 21.77 14.39 27.59
C THR B 393 22.50 13.12 27.16
N THR B 394 23.05 12.40 28.13
CA THR B 394 23.85 11.20 27.86
C THR B 394 23.30 9.98 28.59
N LYS B 395 22.21 10.17 29.33
CA LYS B 395 21.55 9.04 29.97
C LYS B 395 20.09 9.38 30.25
N TRP B 396 19.18 8.44 29.95
CA TRP B 396 17.75 8.66 30.17
C TRP B 396 16.97 7.36 30.26
N SER B 397 15.83 7.42 30.96
CA SER B 397 14.97 6.27 31.13
C SER B 397 13.51 6.70 31.13
N VAL B 398 12.62 5.75 30.89
CA VAL B 398 11.19 6.04 30.98
C VAL B 398 10.50 5.02 31.88
N GLU B 399 9.64 5.51 32.77
CA GLU B 399 8.88 4.65 33.65
C GLU B 399 7.39 4.99 33.57
N TYR B 400 6.56 4.10 34.10
CA TYR B 400 5.11 4.32 34.14
C TYR B 400 4.49 3.73 35.39
N THR B 401 3.22 4.05 35.61
CA THR B 401 2.46 3.48 36.71
C THR B 401 0.95 3.49 36.40
N VAL B 402 0.24 2.49 36.91
CA VAL B 402 -1.22 2.48 36.84
C VAL B 402 -1.81 2.96 38.17
N ASP B 403 -1.54 2.21 39.24
CA ASP B 403 -2.09 2.50 40.55
C ASP B 403 -1.62 3.84 41.10
N GLY B 404 -0.47 4.31 40.62
CA GLY B 404 0.13 5.52 41.16
C GLY B 404 1.00 5.19 42.36
N LYS B 405 1.08 3.89 42.67
CA LYS B 405 1.84 3.42 43.83
C LYS B 405 3.32 3.31 43.51
N ASN B 406 3.70 2.26 42.77
CA ASN B 406 5.10 2.05 42.41
C ASN B 406 5.36 2.39 40.95
N TRP B 407 6.51 2.99 40.67
CA TRP B 407 6.93 3.19 39.28
C TRP B 407 7.48 1.89 38.72
N ILE B 408 7.09 1.59 37.48
CA ILE B 408 7.50 0.37 36.81
C ILE B 408 8.45 0.78 35.67
N THR B 409 9.56 0.07 35.56
CA THR B 409 10.54 0.40 34.52
C THR B 409 10.08 -0.17 33.19
N ILE B 410 10.42 0.52 32.11
CA ILE B 410 10.26 -0.04 30.78
C ILE B 410 11.63 -0.52 30.35
N PRO B 411 11.86 -1.84 30.36
CA PRO B 411 13.18 -2.40 30.10
C PRO B 411 13.81 -1.84 28.82
N GLU B 412 13.07 -1.90 27.71
CA GLU B 412 13.54 -1.35 26.44
C GLU B 412 13.90 0.15 26.52
N ALA B 413 13.36 0.86 27.52
CA ALA B 413 13.65 2.28 27.65
C ALA B 413 14.39 2.60 28.95
N THR B 414 15.28 1.70 29.34
CA THR B 414 16.02 1.88 30.59
C THR B 414 17.50 2.16 30.35
N ASP B 415 18.00 3.24 30.91
CA ASP B 415 19.40 3.63 30.77
C ASP B 415 19.84 3.75 29.32
N LYS B 416 19.03 4.44 28.53
CA LYS B 416 19.42 4.79 27.19
C LYS B 416 20.45 5.92 27.31
N GLN B 417 21.24 6.13 26.27
CA GLN B 417 22.28 7.15 26.36
C GLN B 417 21.99 8.33 25.44
N ALA B 418 22.22 8.11 24.15
CA ALA B 418 22.06 9.18 23.18
C ALA B 418 20.58 9.51 22.93
N ILE B 419 20.31 10.79 22.66
CA ILE B 419 19.05 11.18 22.06
C ILE B 419 19.31 11.74 20.67
N GLY B 420 19.95 12.92 20.61
CA GLY B 420 20.19 13.56 19.33
C GLY B 420 18.92 13.93 18.58
N HIS B 421 18.98 13.83 17.25
CA HIS B 421 17.90 14.28 16.38
C HIS B 421 16.60 13.57 16.69
N LYS B 422 16.68 12.25 16.90
CA LYS B 422 15.51 11.44 17.18
C LYS B 422 15.92 10.09 17.75
N TRP B 423 15.21 9.63 18.77
CA TRP B 423 15.36 8.27 19.23
C TRP B 423 14.01 7.63 19.44
N ILE B 424 13.84 6.45 18.88
CA ILE B 424 12.57 5.72 18.93
C ILE B 424 12.78 4.41 19.67
N VAL B 425 11.94 4.15 20.68
CA VAL B 425 11.96 2.87 21.36
C VAL B 425 10.61 2.17 21.22
N ARG B 426 10.63 0.92 20.75
CA ARG B 426 9.43 0.11 20.73
C ARG B 426 9.43 -0.80 21.96
N LEU B 427 8.25 -1.12 22.47
CA LEU B 427 8.16 -1.87 23.72
C LEU B 427 6.95 -2.77 23.79
N ALA B 428 7.03 -3.79 24.64
CA ALA B 428 5.87 -4.59 24.97
C ALA B 428 4.83 -3.64 25.55
N PRO B 429 3.60 -3.73 25.04
CA PRO B 429 2.49 -2.83 25.38
C PRO B 429 2.26 -2.69 26.89
N VAL B 430 2.05 -1.46 27.34
CA VAL B 430 1.78 -1.20 28.74
C VAL B 430 0.55 -0.30 28.89
N LYS B 431 -0.12 -0.41 30.03
CA LYS B 431 -1.18 0.52 30.35
C LYS B 431 -0.64 1.44 31.43
N ALA B 432 -0.99 2.72 31.37
CA ALA B 432 -0.40 3.71 32.27
C ALA B 432 -1.35 4.87 32.60
N LYS B 433 -1.22 5.40 33.82
CA LYS B 433 -1.96 6.58 34.23
C LYS B 433 -1.02 7.76 34.27
N GLN B 434 0.22 7.46 34.66
CA GLN B 434 1.30 8.44 34.67
C GLN B 434 2.53 7.88 33.97
N VAL B 435 3.24 8.75 33.26
CA VAL B 435 4.48 8.38 32.61
C VAL B 435 5.60 9.27 33.14
N ARG B 436 6.73 8.67 33.49
CA ARG B 436 7.86 9.43 34.00
C ARG B 436 9.06 9.42 33.04
N LEU B 437 9.50 10.61 32.64
CA LEU B 437 10.72 10.76 31.85
C LEU B 437 11.89 11.15 32.75
N ARG B 438 12.88 10.25 32.86
CA ARG B 438 14.05 10.51 33.70
C ARG B 438 15.28 10.92 32.88
N ILE B 439 15.71 12.16 33.03
CA ILE B 439 16.99 12.59 32.48
C ILE B 439 18.05 12.37 33.56
N GLN B 440 18.84 11.31 33.43
CA GLN B 440 19.71 10.85 34.52
C GLN B 440 21.13 11.37 34.46
N ASP B 441 21.60 11.75 33.27
CA ASP B 441 22.96 12.27 33.13
C ASP B 441 23.12 13.05 31.83
N GLY B 442 24.15 13.89 31.80
CA GLY B 442 24.46 14.69 30.62
C GLY B 442 25.70 15.53 30.78
N LYS B 443 26.13 16.16 29.68
CA LYS B 443 27.25 17.09 29.70
C LYS B 443 26.73 18.49 30.03
N ALA B 444 25.49 18.74 29.67
CA ALA B 444 24.86 20.02 29.94
C ALA B 444 23.38 19.80 30.28
N CYS B 445 22.69 20.89 30.62
CA CYS B 445 21.28 20.80 30.95
C CYS B 445 20.50 20.34 29.74
N PRO B 446 19.43 19.54 29.96
CA PRO B 446 18.60 19.00 28.87
C PRO B 446 17.95 20.10 28.03
N ALA B 447 17.85 19.85 26.72
CA ALA B 447 17.10 20.69 25.80
C ALA B 447 16.33 19.73 24.88
N ILE B 448 15.03 19.60 25.12
CA ILE B 448 14.25 18.53 24.48
C ILE B 448 13.04 19.05 23.74
N HIS B 449 13.04 18.84 22.43
CA HIS B 449 11.99 19.34 21.55
C HIS B 449 10.70 18.56 21.68
N THR B 450 10.84 17.23 21.73
CA THR B 450 9.70 16.34 21.58
C THR B 450 9.84 15.14 22.49
N PHE B 451 8.74 14.82 23.17
CA PHE B 451 8.62 13.53 23.82
C PHE B 451 7.18 13.06 23.67
N GLY B 452 7.02 11.80 23.30
CA GLY B 452 5.68 11.24 23.16
C GLY B 452 5.66 9.74 23.32
N VAL B 453 4.48 9.20 23.57
CA VAL B 453 4.28 7.76 23.52
C VAL B 453 3.12 7.52 22.55
N TYR B 454 3.13 6.34 21.93
CA TYR B 454 2.29 6.11 20.76
C TYR B 454 1.88 4.65 20.70
N LYS B 455 0.86 4.36 19.91
CA LYS B 455 0.46 2.98 19.65
C LYS B 455 0.84 2.63 18.20
N GLN B 456 1.66 1.60 18.04
CA GLN B 456 2.10 1.19 16.70
C GLN B 456 0.93 0.80 15.80
N SER B 457 1.03 1.18 14.53
CA SER B 457 0.01 0.86 13.54
C SER B 457 -0.18 -0.62 13.37
N PRO B 458 -1.44 -1.05 13.12
CA PRO B 458 -1.79 -2.43 12.78
C PRO B 458 -1.00 -2.89 11.55
N VAL B 459 -0.71 -1.94 10.67
CA VAL B 459 0.11 -2.19 9.47
C VAL B 459 1.42 -2.89 9.84
N PHE B 460 1.94 -2.53 11.02
CA PHE B 460 3.12 -3.18 11.57
C PHE B 460 2.67 -4.40 12.38
C1 GOL C . -16.65 -5.37 -18.74
O1 GOL C . -17.84 -5.96 -19.14
C2 GOL C . -15.59 -5.54 -19.77
O2 GOL C . -15.50 -6.87 -20.15
C3 GOL C . -15.92 -4.72 -20.98
O3 GOL C . -14.82 -4.67 -21.82
C1 IPT D . -23.08 -4.58 -20.67
C2 IPT D . -23.80 -5.81 -21.10
O2 IPT D . -24.81 -5.49 -21.99
C3 IPT D . -24.34 -6.50 -19.89
O3 IPT D . -24.97 -7.67 -20.27
C4 IPT D . -23.23 -6.77 -18.91
O4 IPT D . -22.37 -7.73 -19.42
C5 IPT D . -22.46 -5.49 -18.66
O5 IPT D . -22.01 -4.96 -19.87
C6 IPT D . -21.29 -5.77 -17.77
O6 IPT D . -20.83 -4.59 -17.21
S1 IPT D . -22.54 -3.68 -22.11
C1' IPT D . -22.14 -2.01 -21.65
C2' IPT D . -23.23 -1.06 -22.05
C3' IPT D . -22.05 -1.91 -20.17
C1 GOL E . -25.85 5.76 -0.13
O1 GOL E . -26.18 7.06 0.20
C2 GOL E . -26.31 4.83 0.94
O2 GOL E . -25.86 5.28 2.18
C3 GOL E . -27.80 4.71 0.93
O3 GOL E . -28.18 3.40 1.19
C1 IPT F . 31.95 0.05 2.04
C2 IPT F . 32.99 1.11 1.83
O2 IPT F . 34.24 0.63 2.19
C3 IPT F . 32.62 2.30 2.65
O3 IPT F . 33.56 3.29 2.44
C4 IPT F . 31.26 2.78 2.25
O4 IPT F . 31.27 3.26 0.95
C5 IPT F . 30.29 1.62 2.36
O5 IPT F . 30.72 0.53 1.60
C6 IPT F . 28.91 2.04 1.95
O6 IPT F . 27.99 1.05 2.25
S1 IPT F . 32.41 -1.38 1.11
C1' IPT F . 31.87 -2.84 1.96
C2' IPT F . 30.51 -2.68 2.52
C3' IPT F . 31.84 -3.98 1.00
C1 GOL G . 27.75 -0.78 -3.43
O1 GOL G . 27.76 -1.32 -4.69
C2 GOL G . 26.68 0.26 -3.33
O2 GOL G . 26.96 1.22 -4.28
C3 GOL G . 26.68 0.87 -1.96
O3 GOL G . 27.94 1.33 -1.64
C1 GOL H . 16.87 0.20 20.61
O1 GOL H . 17.41 1.44 20.27
C2 GOL H . 15.92 -0.31 19.56
O2 GOL H . 16.03 -1.69 19.53
C3 GOL H . 14.50 0.06 19.92
O3 GOL H . 13.60 -0.38 18.95
#